data_3LW0
#
_entry.id   3LW0
#
_cell.length_a   189.346
_cell.length_b   189.346
_cell.length_c   115.920
_cell.angle_alpha   90.00
_cell.angle_beta   90.00
_cell.angle_gamma   120.00
#
_symmetry.space_group_name_H-M   'H 3'
#
loop_
_entity.id
_entity.type
_entity.pdbx_description
1 polymer 'Insulin-like growth factor 1 receptor'
2 non-polymer 3-cyano-N-{1-[4-(5-cyano-1H-indol-3-yl)butyl]piperidin-4-yl}-1H-indole-7-carboxamide
3 non-polymer GLYCEROL
4 water water
#
_entity_poly.entity_id   1
_entity_poly.type   'polypeptide(L)'
_entity_poly.pdbx_seq_one_letter_code
;AADVYVPDEWEVAREKITMSRELGQGSFGMVYEGVAKGVVKDEPETRVAIKTVNEAASMRERIEFLNEASVMKEFNCHHV
VRLLGVVSQGQPTLVIMELMTRGDLKSYLRSLRPAMANNPVLAPPSLSKMIQMAGEIADGMAYLNANKFVHRDLAARNCM
VAEDFTVKIGDFGMTRDIYETDYYRKGGKGLLPVRWMSPESLKDGVFTTYSDVWSFGVVLWEIATLAEQPYQGLSNEQVL
RFVMEGGLLDKPDNCPDMLFELMRMCWQYNPKMRPSFLEIISSIKEEMEPGFREVSFYYSEENK
;
_entity_poly.pdbx_strand_id   A,B,C,D
#
# COMPACT_ATOMS: atom_id res chain seq x y z
N ALA A 1 -1.75 25.81 -14.41
CA ALA A 1 -2.59 24.64 -13.99
C ALA A 1 -3.09 24.85 -12.56
N ALA A 2 -2.15 25.12 -11.67
CA ALA A 2 -2.46 25.73 -10.38
C ALA A 2 -2.73 27.21 -10.66
N ASP A 3 -3.42 27.86 -9.73
CA ASP A 3 -3.83 29.27 -9.85
C ASP A 3 -5.06 29.53 -10.74
N VAL A 4 -5.30 28.73 -11.78
CA VAL A 4 -6.45 28.97 -12.68
C VAL A 4 -7.19 27.75 -13.20
N TYR A 5 -8.51 27.88 -13.28
CA TYR A 5 -9.38 26.90 -13.93
C TYR A 5 -9.99 27.56 -15.18
N VAL A 6 -9.87 26.88 -16.32
CA VAL A 6 -10.38 27.38 -17.59
C VAL A 6 -11.71 26.68 -17.89
N PRO A 7 -12.83 27.44 -17.97
CA PRO A 7 -14.13 26.78 -18.25
C PRO A 7 -14.20 26.19 -19.66
N ASP A 8 -14.82 25.03 -19.79
CA ASP A 8 -14.72 24.25 -21.03
C ASP A 8 -16.05 23.57 -21.38
N GLU A 9 -15.98 22.44 -22.09
CA GLU A 9 -17.18 21.70 -22.49
C GLU A 9 -17.97 21.11 -21.34
N TRP A 10 -17.36 21.02 -20.15
CA TRP A 10 -18.05 20.62 -18.95
C TRP A 10 -18.87 21.72 -18.27
N GLU A 11 -18.68 22.97 -18.67
CA GLU A 11 -19.41 24.08 -18.08
C GLU A 11 -20.92 23.94 -18.33
N VAL A 12 -21.70 24.10 -17.27
CA VAL A 12 -23.16 24.07 -17.37
C VAL A 12 -23.69 25.44 -17.00
N ALA A 13 -24.65 25.94 -17.78
CA ALA A 13 -25.34 27.17 -17.46
C ALA A 13 -26.06 27.07 -16.12
N ARG A 14 -25.82 28.04 -15.24
CA ARG A 14 -26.32 27.92 -13.87
C ARG A 14 -27.85 27.87 -13.83
N GLU A 15 -28.50 28.51 -14.80
CA GLU A 15 -29.96 28.45 -14.98
C GLU A 15 -30.52 27.04 -15.25
N LYS A 16 -29.66 26.11 -15.64
CA LYS A 16 -30.09 24.74 -15.91
C LYS A 16 -30.01 23.86 -14.65
N ILE A 17 -29.56 24.43 -13.55
CA ILE A 17 -29.41 23.70 -12.28
C ILE A 17 -30.40 24.25 -11.26
N THR A 18 -31.18 23.37 -10.63
CA THR A 18 -32.03 23.75 -9.51
C THR A 18 -31.70 22.90 -8.28
N MET A 19 -31.60 23.52 -7.12
CA MET A 19 -31.30 22.80 -5.88
C MET A 19 -32.56 22.61 -5.05
N SER A 20 -32.78 21.38 -4.56
CA SER A 20 -34.03 21.06 -3.85
C SER A 20 -33.88 20.94 -2.33
N ARG A 21 -32.85 20.22 -1.89
CA ARG A 21 -32.60 19.99 -0.46
C ARG A 21 -31.14 19.68 -0.14
N GLU A 22 -30.77 19.90 1.13
CA GLU A 22 -29.41 19.64 1.61
C GLU A 22 -29.14 18.15 1.74
N LEU A 23 -27.96 17.73 1.33
CA LEU A 23 -27.46 16.37 1.58
C LEU A 23 -26.44 16.33 2.73
N GLY A 24 -25.68 17.41 2.91
CA GLY A 24 -24.75 17.52 4.04
C GLY A 24 -23.50 18.32 3.74
N GLN A 25 -22.78 18.69 4.80
CA GLN A 25 -21.56 19.47 4.66
C GLN A 25 -20.45 18.64 4.03
N GLY A 26 -19.92 19.12 2.91
CA GLY A 26 -18.76 18.54 2.27
C GLY A 26 -17.51 19.26 2.75
N SER A 27 -16.36 18.88 2.22
CA SER A 27 -15.12 19.44 2.72
C SER A 27 -14.89 20.89 2.25
N PHE A 28 -15.55 21.32 1.16
CA PHE A 28 -15.42 22.72 0.66
C PHE A 28 -16.68 23.60 0.86
N GLY A 29 -17.80 22.98 1.24
CA GLY A 29 -19.08 23.68 1.44
C GLY A 29 -20.23 22.69 1.45
N MET A 30 -21.46 23.20 1.54
CA MET A 30 -22.65 22.33 1.55
C MET A 30 -22.88 21.59 0.22
N VAL A 31 -23.41 20.38 0.34
CA VAL A 31 -23.83 19.57 -0.80
C VAL A 31 -25.34 19.45 -0.80
N TYR A 32 -25.92 19.58 -2.00
CA TYR A 32 -27.36 19.56 -2.20
C TYR A 32 -27.79 18.46 -3.17
N GLU A 33 -29.05 18.05 -3.08
CA GLU A 33 -29.71 17.30 -4.15
C GLU A 33 -30.45 18.29 -5.04
N GLY A 34 -30.54 17.98 -6.32
CA GLY A 34 -31.28 18.82 -7.27
C GLY A 34 -31.46 18.18 -8.62
N VAL A 35 -31.70 19.02 -9.63
CA VAL A 35 -32.00 18.58 -10.99
C VAL A 35 -31.19 19.43 -11.96
N ALA A 36 -30.57 18.78 -12.95
CA ALA A 36 -29.79 19.46 -13.98
C ALA A 36 -30.33 19.09 -15.36
N LYS A 37 -30.56 20.11 -16.19
CA LYS A 37 -31.00 19.93 -17.58
C LYS A 37 -29.81 19.67 -18.51
N GLY A 38 -29.92 18.65 -19.36
CA GLY A 38 -28.98 18.46 -20.47
C GLY A 38 -27.62 17.88 -20.14
N VAL A 39 -27.53 17.13 -19.06
CA VAL A 39 -26.25 16.54 -18.65
C VAL A 39 -26.08 15.05 -18.97
N VAL A 40 -27.16 14.39 -19.36
CA VAL A 40 -27.10 12.97 -19.73
C VAL A 40 -27.82 12.75 -21.06
N LYS A 41 -27.17 12.01 -21.96
CA LYS A 41 -27.72 11.74 -23.29
C LYS A 41 -29.12 11.16 -23.15
N ASP A 42 -30.05 11.66 -23.97
CA ASP A 42 -31.44 11.19 -24.03
C ASP A 42 -32.32 11.49 -22.78
N GLU A 43 -31.79 12.23 -21.81
CA GLU A 43 -32.57 12.67 -20.66
C GLU A 43 -32.71 14.20 -20.67
N PRO A 44 -33.93 14.72 -20.85
CA PRO A 44 -34.14 16.16 -20.74
C PRO A 44 -33.67 16.73 -19.40
N GLU A 45 -33.88 15.96 -18.34
CA GLU A 45 -33.53 16.35 -16.98
C GLU A 45 -33.01 15.13 -16.23
N THR A 46 -32.09 15.36 -15.31
CA THR A 46 -31.48 14.31 -14.52
C THR A 46 -31.35 14.75 -13.06
N ARG A 47 -31.70 13.85 -12.12
CA ARG A 47 -31.47 14.08 -10.69
C ARG A 47 -29.98 13.97 -10.40
N VAL A 48 -29.45 14.95 -9.66
CA VAL A 48 -28.01 15.06 -9.44
C VAL A 48 -27.68 15.47 -8.00
N ALA A 49 -26.43 15.20 -7.62
CA ALA A 49 -25.85 15.81 -6.43
C ALA A 49 -25.06 17.05 -6.86
N ILE A 50 -25.11 18.08 -6.04
CA ILE A 50 -24.50 19.39 -6.35
C ILE A 50 -23.60 19.84 -5.20
N LYS A 51 -22.29 19.79 -5.41
CA LYS A 51 -21.33 20.27 -4.41
C LYS A 51 -21.15 21.77 -4.61
N THR A 52 -21.02 22.50 -3.51
CA THR A 52 -20.72 23.93 -3.57
C THR A 52 -19.44 24.30 -2.82
N VAL A 53 -18.86 25.44 -3.21
CA VAL A 53 -17.79 26.09 -2.45
C VAL A 53 -18.44 27.16 -1.59
N ASN A 54 -18.18 27.12 -0.29
CA ASN A 54 -18.73 28.10 0.62
C ASN A 54 -18.29 29.53 0.26
N GLU A 55 -19.15 30.50 0.57
CA GLU A 55 -18.88 31.92 0.26
C GLU A 55 -17.62 32.47 0.92
N ALA A 56 -17.31 31.97 2.11
CA ALA A 56 -16.12 32.40 2.85
C ALA A 56 -14.82 31.73 2.39
N ALA A 57 -14.88 30.83 1.41
CA ALA A 57 -13.68 30.12 0.95
C ALA A 57 -12.69 31.07 0.28
N SER A 58 -11.41 30.71 0.30
CA SER A 58 -10.37 31.52 -0.35
C SER A 58 -10.31 31.26 -1.85
N MET A 59 -9.52 32.08 -2.54
CA MET A 59 -9.25 31.91 -3.98
C MET A 59 -8.62 30.55 -4.24
N ARG A 60 -7.59 30.23 -3.46
CA ARG A 60 -6.89 28.95 -3.60
C ARG A 60 -7.80 27.75 -3.39
N GLU A 61 -8.69 27.83 -2.40
CA GLU A 61 -9.60 26.74 -2.08
C GLU A 61 -10.59 26.49 -3.21
N ARG A 62 -11.03 27.55 -3.88
CA ARG A 62 -11.88 27.40 -5.07
C ARG A 62 -11.16 26.59 -6.15
N ILE A 63 -9.87 26.85 -6.31
CA ILE A 63 -9.09 26.17 -7.34
C ILE A 63 -8.89 24.69 -7.00
N GLU A 64 -8.56 24.40 -5.75
CA GLU A 64 -8.43 23.01 -5.27
C GLU A 64 -9.73 22.21 -5.53
N PHE A 65 -10.85 22.82 -5.20
CA PHE A 65 -12.18 22.27 -5.47
C PHE A 65 -12.35 21.96 -6.97
N LEU A 66 -11.94 22.91 -7.80
CA LEU A 66 -12.07 22.75 -9.26
C LEU A 66 -11.09 21.72 -9.84
N ASN A 67 -9.85 21.69 -9.33
N ASN A 67 -9.85 21.69 -9.33
CA ASN A 67 -8.87 20.70 -9.77
CA ASN A 67 -8.86 20.69 -9.75
C ASN A 67 -9.29 19.27 -9.43
C ASN A 67 -9.34 19.26 -9.46
N GLU A 68 -10.05 19.10 -8.34
CA GLU A 68 -10.59 17.78 -7.98
C GLU A 68 -11.60 17.31 -9.01
N ALA A 69 -12.42 18.24 -9.51
CA ALA A 69 -13.33 17.93 -10.61
C ALA A 69 -12.56 17.66 -11.90
N SER A 70 -11.53 18.47 -12.17
CA SER A 70 -10.74 18.34 -13.39
C SER A 70 -10.15 16.92 -13.54
N VAL A 71 -9.63 16.38 -12.45
CA VAL A 71 -9.02 15.05 -12.51
C VAL A 71 -10.04 13.95 -12.89
N MET A 72 -11.30 14.13 -12.52
CA MET A 72 -12.31 13.10 -12.82
C MET A 72 -12.93 13.20 -14.21
N LYS A 73 -12.59 14.25 -14.97
CA LYS A 73 -13.11 14.44 -16.34
C LYS A 73 -12.74 13.28 -17.26
N GLU A 74 -11.60 12.67 -16.96
CA GLU A 74 -11.05 11.54 -17.70
C GLU A 74 -11.79 10.21 -17.49
N PHE A 75 -12.54 10.09 -16.39
CA PHE A 75 -13.01 8.79 -15.97
C PHE A 75 -14.43 8.44 -16.41
N ASN A 76 -14.61 7.19 -16.82
CA ASN A 76 -15.91 6.65 -17.14
C ASN A 76 -15.96 5.16 -16.82
N CYS A 77 -16.44 4.85 -15.61
CA CYS A 77 -16.50 3.49 -15.08
C CYS A 77 -17.81 3.32 -14.33
N HIS A 78 -18.48 2.20 -14.58
CA HIS A 78 -19.73 1.86 -13.90
C HIS A 78 -19.61 1.87 -12.38
N HIS A 79 -18.41 1.53 -11.87
CA HIS A 79 -18.20 1.40 -10.42
C HIS A 79 -17.48 2.61 -9.79
N VAL A 80 -17.48 3.73 -10.51
CA VAL A 80 -16.99 5.02 -9.99
C VAL A 80 -18.03 6.09 -10.27
N VAL A 81 -18.38 6.85 -9.23
CA VAL A 81 -19.38 7.92 -9.39
C VAL A 81 -18.94 8.91 -10.48
N ARG A 82 -19.86 9.25 -11.38
CA ARG A 82 -19.52 10.08 -12.55
C ARG A 82 -19.59 11.59 -12.30
N LEU A 83 -18.61 12.32 -12.85
CA LEU A 83 -18.72 13.78 -12.98
C LEU A 83 -19.73 14.06 -14.09
N LEU A 84 -20.63 15.03 -13.86
CA LEU A 84 -21.60 15.45 -14.89
C LEU A 84 -21.45 16.89 -15.38
N GLY A 85 -20.83 17.76 -14.58
CA GLY A 85 -20.68 19.16 -14.99
C GLY A 85 -20.05 20.06 -13.95
N VAL A 86 -19.78 21.29 -14.36
CA VAL A 86 -19.11 22.30 -13.54
C VAL A 86 -19.74 23.67 -13.80
N VAL A 87 -19.87 24.47 -12.75
CA VAL A 87 -20.20 25.89 -12.87
C VAL A 87 -19.11 26.69 -12.17
N SER A 88 -18.23 27.29 -12.96
CA SER A 88 -17.05 28.03 -12.48
C SER A 88 -17.15 29.54 -12.72
N GLN A 89 -18.26 30.00 -13.31
CA GLN A 89 -18.51 31.42 -13.59
C GLN A 89 -19.43 31.99 -12.54
N GLY A 90 -19.00 33.06 -11.88
CA GLY A 90 -19.79 33.68 -10.83
C GLY A 90 -19.82 32.83 -9.57
N GLN A 91 -20.74 33.16 -8.66
CA GLN A 91 -20.88 32.45 -7.39
C GLN A 91 -22.30 31.93 -7.19
N PRO A 92 -22.45 30.81 -6.45
CA PRO A 92 -21.38 29.98 -5.88
C PRO A 92 -20.74 29.04 -6.91
N THR A 93 -19.52 28.60 -6.64
CA THR A 93 -18.88 27.61 -7.52
C THR A 93 -19.58 26.26 -7.29
N LEU A 94 -19.93 25.57 -8.37
CA LEU A 94 -20.62 24.26 -8.28
C LEU A 94 -19.94 23.15 -9.07
N VAL A 95 -20.08 21.93 -8.56
CA VAL A 95 -19.70 20.72 -9.27
C VAL A 95 -20.90 19.77 -9.23
N ILE A 96 -21.26 19.21 -10.39
CA ILE A 96 -22.46 18.38 -10.55
C ILE A 96 -22.02 16.91 -10.71
N MET A 97 -22.61 16.02 -9.91
CA MET A 97 -22.21 14.61 -9.86
C MET A 97 -23.42 13.66 -9.97
N GLU A 98 -23.16 12.45 -10.47
CA GLU A 98 -24.15 11.35 -10.41
C GLU A 98 -24.68 11.19 -8.97
N LEU A 99 -26.01 11.10 -8.83
CA LEU A 99 -26.70 11.00 -7.53
C LEU A 99 -26.79 9.54 -7.10
N MET A 100 -26.35 9.28 -5.88
CA MET A 100 -26.34 7.95 -5.29
C MET A 100 -27.38 8.00 -4.15
N THR A 101 -28.60 7.55 -4.44
CA THR A 101 -29.76 7.85 -3.58
C THR A 101 -29.74 7.27 -2.16
N ARG A 102 -28.97 6.21 -1.95
CA ARG A 102 -28.92 5.56 -0.62
C ARG A 102 -27.72 6.04 0.20
N GLY A 103 -26.95 6.98 -0.34
CA GLY A 103 -25.87 7.63 0.44
C GLY A 103 -24.58 6.86 0.59
N ASP A 104 -23.77 7.29 1.56
CA ASP A 104 -22.47 6.68 1.80
C ASP A 104 -22.60 5.32 2.48
N LEU A 105 -21.64 4.44 2.22
CA LEU A 105 -21.73 3.04 2.68
C LEU A 105 -21.58 2.88 4.21
N LYS A 106 -20.77 3.72 4.85
CA LYS A 106 -20.63 3.66 6.31
C LYS A 106 -21.96 3.92 6.99
N SER A 107 -22.65 4.98 6.56
CA SER A 107 -23.94 5.34 7.13
C SER A 107 -24.97 4.23 6.86
N TYR A 108 -24.91 3.68 5.65
CA TYR A 108 -25.85 2.66 5.27
C TYR A 108 -25.66 1.42 6.15
N LEU A 109 -24.43 0.95 6.26
CA LEU A 109 -24.15 -0.20 7.10
C LEU A 109 -24.63 0.03 8.56
N ARG A 110 -24.31 1.19 9.12
CA ARG A 110 -24.74 1.50 10.49
C ARG A 110 -26.26 1.51 10.63
N SER A 111 -26.98 1.96 9.60
CA SER A 111 -28.44 1.97 9.63
C SER A 111 -29.07 0.57 9.77
N LEU A 112 -28.32 -0.48 9.42
CA LEU A 112 -28.81 -1.85 9.49
C LEU A 112 -28.66 -2.46 10.88
N ARG A 113 -27.98 -1.76 11.77
CA ARG A 113 -27.80 -2.27 13.11
C ARG A 113 -29.14 -2.19 13.82
N PRO A 114 -29.45 -3.21 14.63
CA PRO A 114 -30.75 -3.32 15.30
C PRO A 114 -31.14 -2.07 16.12
N PRO A 124 -29.04 -9.04 8.70
CA PRO A 124 -27.61 -8.88 8.41
C PRO A 124 -27.29 -9.34 7.00
N PRO A 125 -26.52 -8.53 6.24
CA PRO A 125 -26.29 -8.84 4.81
C PRO A 125 -25.64 -10.21 4.61
N SER A 126 -26.19 -10.98 3.68
CA SER A 126 -25.68 -12.31 3.33
C SER A 126 -24.25 -12.28 2.77
N LEU A 127 -23.59 -13.44 2.77
CA LEU A 127 -22.28 -13.55 2.14
C LEU A 127 -22.35 -13.13 0.65
N SER A 128 -23.38 -13.58 -0.06
CA SER A 128 -23.50 -13.18 -1.49
C SER A 128 -23.55 -11.66 -1.63
N LYS A 129 -24.37 -10.99 -0.83
CA LYS A 129 -24.40 -9.51 -0.81
C LYS A 129 -23.03 -8.87 -0.54
N MET A 130 -22.35 -9.35 0.50
N MET A 130 -22.35 -9.34 0.51
CA MET A 130 -21.03 -8.86 0.87
CA MET A 130 -21.03 -8.82 0.86
C MET A 130 -20.01 -9.03 -0.25
C MET A 130 -20.00 -9.02 -0.26
N ILE A 131 -20.03 -10.19 -0.91
CA ILE A 131 -19.15 -10.45 -2.06
C ILE A 131 -19.43 -9.46 -3.23
N GLN A 132 -20.71 -9.21 -3.52
CA GLN A 132 -21.04 -8.27 -4.60
C GLN A 132 -20.46 -6.90 -4.31
N MET A 133 -20.64 -6.42 -3.09
CA MET A 133 -20.08 -5.13 -2.71
C MET A 133 -18.55 -5.12 -2.84
N ALA A 134 -17.90 -6.17 -2.35
CA ALA A 134 -16.45 -6.30 -2.44
C ALA A 134 -15.94 -6.23 -3.88
N GLY A 135 -16.59 -6.96 -4.77
CA GLY A 135 -16.18 -6.99 -6.17
C GLY A 135 -16.40 -5.67 -6.90
N GLU A 136 -17.51 -5.00 -6.61
CA GLU A 136 -17.81 -3.67 -7.19
C GLU A 136 -16.74 -2.63 -6.78
N ILE A 137 -16.44 -2.61 -5.50
CA ILE A 137 -15.42 -1.71 -4.96
C ILE A 137 -14.05 -2.04 -5.56
N ALA A 138 -13.70 -3.31 -5.60
CA ALA A 138 -12.40 -3.72 -6.16
C ALA A 138 -12.29 -3.36 -7.63
N ASP A 139 -13.40 -3.49 -8.37
CA ASP A 139 -13.41 -3.19 -9.79
C ASP A 139 -13.22 -1.70 -10.05
N GLY A 140 -13.94 -0.83 -9.32
CA GLY A 140 -13.73 0.60 -9.46
C GLY A 140 -12.28 0.98 -9.12
N MET A 141 -11.75 0.38 -8.06
CA MET A 141 -10.34 0.62 -7.68
C MET A 141 -9.33 0.11 -8.73
N ALA A 142 -9.59 -1.07 -9.31
CA ALA A 142 -8.75 -1.57 -10.40
C ALA A 142 -8.73 -0.61 -11.59
N TYR A 143 -9.90 -0.06 -11.95
CA TYR A 143 -10.00 0.93 -13.01
C TYR A 143 -9.17 2.18 -12.71
N LEU A 144 -9.34 2.74 -11.51
CA LEU A 144 -8.61 3.93 -11.12
C LEU A 144 -7.10 3.68 -11.10
N ASN A 145 -6.69 2.59 -10.48
CA ASN A 145 -5.25 2.27 -10.41
C ASN A 145 -4.67 2.07 -11.83
N ALA A 146 -5.43 1.48 -12.75
CA ALA A 146 -4.96 1.23 -14.12
C ALA A 146 -4.74 2.53 -14.89
N ASN A 147 -5.51 3.54 -14.51
CA ASN A 147 -5.42 4.89 -15.04
C ASN A 147 -4.51 5.81 -14.22
N LYS A 148 -3.59 5.21 -13.46
CA LYS A 148 -2.56 5.90 -12.64
C LYS A 148 -3.11 6.81 -11.54
N PHE A 149 -4.28 6.46 -11.03
CA PHE A 149 -4.92 7.19 -9.94
C PHE A 149 -4.79 6.37 -8.67
N VAL A 150 -4.02 6.86 -7.70
CA VAL A 150 -3.99 6.28 -6.35
C VAL A 150 -4.99 7.04 -5.47
N HIS A 151 -5.92 6.34 -4.83
CA HIS A 151 -7.03 7.00 -4.10
C HIS A 151 -6.57 7.73 -2.83
N ARG A 152 -5.84 7.02 -2.00
CA ARG A 152 -5.27 7.55 -0.74
C ARG A 152 -6.26 7.61 0.43
N ASP A 153 -7.57 7.51 0.18
CA ASP A 153 -8.57 7.55 1.26
C ASP A 153 -9.73 6.56 1.02
N LEU A 154 -9.40 5.34 0.60
CA LEU A 154 -10.43 4.31 0.46
C LEU A 154 -10.95 3.88 1.84
N ALA A 155 -12.27 3.88 1.99
CA ALA A 155 -12.95 3.63 3.26
C ALA A 155 -14.43 3.51 2.95
N ALA A 156 -15.19 2.84 3.80
CA ALA A 156 -16.64 2.70 3.55
C ALA A 156 -17.33 4.06 3.42
N ARG A 157 -16.88 5.06 4.19
CA ARG A 157 -17.49 6.40 4.13
C ARG A 157 -17.27 7.07 2.76
N ASN A 158 -16.32 6.57 1.99
CA ASN A 158 -15.98 7.11 0.67
C ASN A 158 -16.39 6.18 -0.48
N CYS A 159 -17.35 5.32 -0.19
CA CYS A 159 -18.08 4.51 -1.17
C CYS A 159 -19.54 4.92 -1.05
N MET A 160 -20.27 4.88 -2.15
CA MET A 160 -21.65 5.31 -2.14
C MET A 160 -22.55 4.19 -2.66
N VAL A 161 -23.83 4.26 -2.31
CA VAL A 161 -24.81 3.21 -2.60
C VAL A 161 -25.96 3.74 -3.47
N ALA A 162 -26.19 3.08 -4.60
CA ALA A 162 -27.24 3.49 -5.55
C ALA A 162 -28.62 2.98 -5.16
N GLU A 163 -29.63 3.46 -5.86
CA GLU A 163 -31.00 3.01 -5.61
C GLU A 163 -31.14 1.48 -5.72
N ASP A 164 -30.41 0.88 -6.67
CA ASP A 164 -30.43 -0.58 -6.84
C ASP A 164 -29.38 -1.34 -6.02
N PHE A 165 -28.73 -0.64 -5.09
CA PHE A 165 -27.73 -1.17 -4.16
C PHE A 165 -26.33 -1.37 -4.75
N THR A 166 -26.13 -1.00 -6.02
CA THR A 166 -24.79 -0.93 -6.58
C THR A 166 -23.90 0.02 -5.75
N VAL A 167 -22.73 -0.47 -5.32
CA VAL A 167 -21.73 0.32 -4.63
C VAL A 167 -20.71 0.87 -5.64
N LYS A 168 -20.36 2.15 -5.47
CA LYS A 168 -19.42 2.82 -6.34
C LYS A 168 -18.42 3.65 -5.50
N ILE A 169 -17.21 3.81 -6.03
CA ILE A 169 -16.22 4.68 -5.40
C ILE A 169 -16.64 6.14 -5.54
N GLY A 170 -16.75 6.87 -4.44
CA GLY A 170 -17.17 8.26 -4.56
C GLY A 170 -17.48 8.94 -3.26
N ASP A 171 -17.26 10.26 -3.22
CA ASP A 171 -17.50 11.05 -2.02
C ASP A 171 -17.45 12.55 -2.29
N PHE A 172 -17.95 13.34 -1.33
CA PHE A 172 -17.98 14.81 -1.41
C PHE A 172 -16.98 15.48 -0.47
N GLY A 173 -16.05 14.70 0.07
CA GLY A 173 -15.11 15.17 1.11
C GLY A 173 -15.71 14.93 2.49
N MET A 174 -15.12 14.00 3.25
CA MET A 174 -15.69 13.50 4.52
C MET A 174 -15.00 14.05 5.79
N THR A 175 -14.10 15.02 5.64
CA THR A 175 -13.26 15.46 6.76
C THR A 175 -13.96 16.42 7.70
N ARG A 176 -15.14 16.93 7.30
CA ARG A 176 -15.80 18.03 8.02
C ARG A 176 -17.21 17.72 8.55
N ASP A 177 -17.68 16.48 8.44
CA ASP A 177 -18.99 16.15 9.00
C ASP A 177 -18.86 15.07 10.05
N ILE A 178 -19.85 14.19 10.18
CA ILE A 178 -19.91 13.29 11.32
C ILE A 178 -18.84 12.21 11.39
N TYR A 179 -18.14 11.96 10.27
CA TYR A 179 -16.98 11.04 10.29
C TYR A 179 -15.63 11.77 10.33
N GLU A 180 -15.65 13.04 10.72
CA GLU A 180 -14.42 13.81 10.95
C GLU A 180 -13.43 13.11 11.89
N THR A 181 -13.97 12.37 12.87
CA THR A 181 -13.08 11.63 13.81
C THR A 181 -12.39 10.40 13.22
N ASP A 182 -12.70 10.06 11.95
CA ASP A 182 -11.92 9.08 11.18
C ASP A 182 -10.56 9.64 10.67
N TYR A 183 -10.27 10.91 10.94
CA TYR A 183 -9.00 11.55 10.55
C TYR A 183 -8.21 12.09 11.75
N TYR A 184 -6.89 12.03 11.63
CA TYR A 184 -5.94 12.45 12.66
C TYR A 184 -5.01 13.49 12.04
N ARG A 185 -4.83 14.62 12.68
CA ARG A 185 -3.91 15.63 12.17
C ARG A 185 -2.76 15.78 13.15
N LYS A 186 -1.70 15.01 12.94
CA LYS A 186 -0.50 15.11 13.76
C LYS A 186 0.27 16.40 13.43
N GLY A 190 -1.49 17.82 7.70
CA GLY A 190 -2.59 17.30 6.90
C GLY A 190 -3.38 16.22 7.65
N LEU A 191 -4.64 16.06 7.27
CA LEU A 191 -5.52 15.07 7.90
C LEU A 191 -5.24 13.68 7.35
N LEU A 192 -5.00 12.71 8.24
CA LEU A 192 -4.67 11.34 7.82
C LEU A 192 -5.70 10.35 8.35
N PRO A 193 -6.22 9.47 7.48
CA PRO A 193 -7.15 8.43 7.87
C PRO A 193 -6.44 7.23 8.49
N VAL A 194 -5.87 7.42 9.69
CA VAL A 194 -4.86 6.48 10.24
C VAL A 194 -5.37 5.06 10.46
N ARG A 195 -6.65 4.88 10.79
CA ARG A 195 -7.20 3.52 10.98
C ARG A 195 -7.38 2.75 9.67
N TRP A 196 -7.20 3.43 8.53
CA TRP A 196 -7.29 2.82 7.23
C TRP A 196 -5.94 2.70 6.51
N MET A 197 -4.85 3.19 7.12
CA MET A 197 -3.55 3.31 6.44
C MET A 197 -2.61 2.11 6.65
N SER A 198 -1.85 1.81 5.60
CA SER A 198 -0.83 0.76 5.64
C SER A 198 0.31 1.13 6.58
N PRO A 199 1.02 0.11 7.09
CA PRO A 199 2.20 0.37 7.93
C PRO A 199 3.23 1.29 7.29
N GLU A 200 3.54 1.07 6.00
CA GLU A 200 4.54 1.87 5.31
C GLU A 200 4.08 3.32 5.12
N SER A 201 2.77 3.54 4.86
CA SER A 201 2.20 4.90 4.76
C SER A 201 2.24 5.63 6.11
N LEU A 202 1.94 4.91 7.20
CA LEU A 202 2.07 5.45 8.54
C LEU A 202 3.51 5.88 8.86
N LYS A 203 4.47 5.16 8.31
CA LYS A 203 5.90 5.46 8.54
C LYS A 203 6.42 6.62 7.71
N ASP A 204 6.13 6.66 6.41
CA ASP A 204 6.75 7.67 5.54
C ASP A 204 5.78 8.57 4.78
N GLY A 205 4.49 8.32 4.89
CA GLY A 205 3.49 9.22 4.36
C GLY A 205 3.29 9.15 2.86
N VAL A 206 3.84 8.11 2.22
CA VAL A 206 3.64 7.90 0.79
C VAL A 206 2.50 6.88 0.58
N PHE A 207 1.68 7.13 -0.44
CA PHE A 207 0.56 6.27 -0.78
C PHE A 207 0.81 5.64 -2.16
N THR A 208 0.40 4.38 -2.30
CA THR A 208 0.64 3.56 -3.50
C THR A 208 -0.58 2.70 -3.83
N THR A 209 -0.58 2.03 -4.96
CA THR A 209 -1.64 1.05 -5.22
C THR A 209 -1.65 -0.02 -4.13
N TYR A 210 -0.47 -0.39 -3.63
CA TYR A 210 -0.39 -1.36 -2.54
C TYR A 210 -1.08 -0.91 -1.24
N SER A 211 -0.97 0.38 -0.92
CA SER A 211 -1.62 0.88 0.28
C SER A 211 -3.15 1.05 0.08
N ASP A 212 -3.59 1.29 -1.17
CA ASP A 212 -5.03 1.26 -1.47
C ASP A 212 -5.58 -0.15 -1.16
N VAL A 213 -4.81 -1.19 -1.50
CA VAL A 213 -5.26 -2.58 -1.22
C VAL A 213 -5.36 -2.84 0.29
N TRP A 214 -4.38 -2.36 1.07
CA TRP A 214 -4.50 -2.41 2.54
C TRP A 214 -5.86 -1.85 2.99
N SER A 215 -6.16 -0.63 2.56
CA SER A 215 -7.41 0.07 2.90
C SER A 215 -8.66 -0.73 2.49
N PHE A 216 -8.60 -1.36 1.33
CA PHE A 216 -9.67 -2.26 0.89
C PHE A 216 -9.93 -3.39 1.89
N GLY A 217 -8.88 -3.99 2.43
CA GLY A 217 -9.07 -4.99 3.48
C GLY A 217 -9.82 -4.41 4.67
N VAL A 218 -9.52 -3.16 5.06
CA VAL A 218 -10.27 -2.52 6.15
C VAL A 218 -11.75 -2.31 5.76
N VAL A 219 -11.99 -1.95 4.51
CA VAL A 219 -13.39 -1.80 4.01
C VAL A 219 -14.15 -3.13 4.15
N LEU A 220 -13.53 -4.25 3.79
CA LEU A 220 -14.17 -5.59 4.01
C LEU A 220 -14.54 -5.82 5.47
N TRP A 221 -13.63 -5.46 6.37
CA TRP A 221 -13.84 -5.57 7.82
C TRP A 221 -15.03 -4.70 8.25
N GLU A 222 -15.11 -3.48 7.71
CA GLU A 222 -16.27 -2.61 7.95
C GLU A 222 -17.57 -3.25 7.50
N ILE A 223 -17.60 -3.80 6.30
CA ILE A 223 -18.79 -4.51 5.80
C ILE A 223 -19.19 -5.65 6.79
N ALA A 224 -18.20 -6.43 7.22
CA ALA A 224 -18.41 -7.59 8.07
C ALA A 224 -18.82 -7.25 9.52
N THR A 225 -18.57 -6.00 9.96
CA THR A 225 -18.94 -5.56 11.31
C THR A 225 -20.07 -4.49 11.33
N LEU A 226 -20.70 -4.24 10.18
CA LEU A 226 -21.65 -3.12 10.02
C LEU A 226 -21.01 -1.79 10.49
N ALA A 227 -19.78 -1.58 10.05
CA ALA A 227 -19.02 -0.34 10.22
C ALA A 227 -18.74 0.03 11.67
N GLU A 228 -18.23 -0.93 12.44
CA GLU A 228 -17.59 -0.58 13.71
C GLU A 228 -16.37 0.30 13.41
N GLN A 229 -15.91 1.06 14.40
CA GLN A 229 -14.65 1.82 14.29
C GLN A 229 -13.51 0.79 14.33
N PRO A 230 -12.62 0.76 13.29
CA PRO A 230 -11.48 -0.16 13.40
C PRO A 230 -10.61 0.18 14.63
N TYR A 231 -10.13 -0.83 15.35
CA TYR A 231 -9.23 -0.63 16.52
C TYR A 231 -9.93 0.19 17.61
N GLN A 232 -11.22 -0.04 17.78
CA GLN A 232 -11.99 0.61 18.82
C GLN A 232 -11.32 0.37 20.17
N GLY A 233 -11.17 1.45 20.94
CA GLY A 233 -10.48 1.40 22.23
C GLY A 233 -9.03 1.90 22.20
N LEU A 234 -8.41 1.88 21.04
CA LEU A 234 -7.10 2.48 20.85
C LEU A 234 -7.21 3.92 20.35
N SER A 235 -6.40 4.80 20.93
CA SER A 235 -6.24 6.17 20.43
C SER A 235 -5.54 6.15 19.08
N ASN A 236 -5.56 7.30 18.38
CA ASN A 236 -4.90 7.39 17.07
C ASN A 236 -3.41 7.06 17.15
N GLU A 237 -2.72 7.56 18.17
CA GLU A 237 -1.30 7.25 18.33
C GLU A 237 -1.07 5.77 18.64
N GLN A 238 -1.97 5.18 19.41
CA GLN A 238 -1.88 3.75 19.73
C GLN A 238 -2.10 2.90 18.48
N VAL A 239 -2.99 3.34 17.58
CA VAL A 239 -3.18 2.66 16.28
C VAL A 239 -1.91 2.70 15.43
N LEU A 240 -1.28 3.89 15.34
CA LEU A 240 -0.03 4.03 14.59
C LEU A 240 0.98 3.00 15.02
N ARG A 241 1.21 2.92 16.32
CA ARG A 241 2.18 1.97 16.88
C ARG A 241 1.77 0.51 16.63
N PHE A 242 0.53 0.18 16.96
CA PHE A 242 0.01 -1.18 16.80
C PHE A 242 0.22 -1.73 15.38
N VAL A 243 -0.14 -0.93 14.38
CA VAL A 243 -0.11 -1.35 12.97
C VAL A 243 1.33 -1.39 12.47
N MET A 244 2.13 -0.37 12.82
CA MET A 244 3.53 -0.36 12.41
C MET A 244 4.32 -1.54 13.02
N GLU A 245 3.94 -1.98 14.21
CA GLU A 245 4.56 -3.16 14.87
C GLU A 245 3.94 -4.52 14.48
N GLY A 246 3.15 -4.53 13.44
CA GLY A 246 2.63 -5.77 12.82
C GLY A 246 1.32 -6.31 13.37
N GLY A 247 0.61 -5.50 14.15
CA GLY A 247 -0.72 -5.86 14.67
C GLY A 247 -1.82 -5.80 13.63
N LEU A 248 -2.84 -6.66 13.79
CA LEU A 248 -3.99 -6.73 12.88
C LEU A 248 -5.34 -6.67 13.60
N LEU A 249 -6.35 -6.26 12.85
CA LEU A 249 -7.75 -6.36 13.28
C LEU A 249 -8.13 -7.83 13.50
N ASP A 250 -8.98 -8.08 14.50
CA ASP A 250 -9.48 -9.42 14.81
C ASP A 250 -10.57 -9.87 13.83
N LYS A 251 -10.71 -11.17 13.65
CA LYS A 251 -11.80 -11.69 12.81
C LYS A 251 -13.15 -11.32 13.43
N PRO A 252 -14.00 -10.58 12.70
CA PRO A 252 -15.32 -10.24 13.24
C PRO A 252 -16.16 -11.45 13.64
N ASP A 253 -17.05 -11.25 14.60
CA ASP A 253 -17.98 -12.29 15.02
C ASP A 253 -18.77 -12.75 13.80
N ASN A 254 -18.85 -14.06 13.62
CA ASN A 254 -19.62 -14.70 12.55
C ASN A 254 -19.12 -14.41 11.13
N CYS A 255 -17.90 -13.92 10.99
CA CYS A 255 -17.39 -13.56 9.67
C CYS A 255 -17.17 -14.81 8.82
N PRO A 256 -17.66 -14.81 7.55
CA PRO A 256 -17.35 -15.91 6.62
C PRO A 256 -15.85 -16.06 6.46
N ASP A 257 -15.34 -17.28 6.51
CA ASP A 257 -13.91 -17.50 6.50
C ASP A 257 -13.28 -16.93 5.23
N MET A 258 -13.94 -17.10 4.09
CA MET A 258 -13.38 -16.57 2.84
C MET A 258 -13.15 -15.05 2.87
N LEU A 259 -14.04 -14.30 3.52
CA LEU A 259 -13.83 -12.85 3.63
C LEU A 259 -12.64 -12.49 4.53
N PHE A 260 -12.49 -13.19 5.64
CA PHE A 260 -11.37 -12.92 6.55
C PHE A 260 -10.05 -13.29 5.90
N GLU A 261 -10.03 -14.39 5.15
CA GLU A 261 -8.82 -14.77 4.42
C GLU A 261 -8.43 -13.70 3.38
N LEU A 262 -9.41 -13.08 2.75
CA LEU A 262 -9.16 -11.97 1.81
C LEU A 262 -8.57 -10.74 2.54
N MET A 263 -9.16 -10.40 3.70
CA MET A 263 -8.60 -9.35 4.58
C MET A 263 -7.13 -9.59 4.89
N ARG A 264 -6.84 -10.82 5.28
CA ARG A 264 -5.46 -11.21 5.62
C ARG A 264 -4.48 -11.05 4.45
N MET A 265 -4.94 -11.34 3.24
N MET A 265 -4.93 -11.37 3.24
CA MET A 265 -4.11 -11.13 2.05
CA MET A 265 -4.12 -11.14 2.04
C MET A 265 -3.83 -9.64 1.82
C MET A 265 -3.82 -9.64 1.86
N CYS A 266 -4.85 -8.82 2.01
CA CYS A 266 -4.73 -7.36 1.89
C CYS A 266 -3.80 -6.74 2.93
N TRP A 267 -3.70 -7.40 4.09
CA TRP A 267 -2.94 -6.91 5.24
C TRP A 267 -1.56 -7.55 5.43
N GLN A 268 -1.01 -8.11 4.35
N GLN A 268 -0.99 -8.10 4.36
CA GLN A 268 0.39 -8.53 4.36
CA GLN A 268 0.38 -8.60 4.44
C GLN A 268 1.23 -7.33 4.77
C GLN A 268 1.31 -7.41 4.67
N TYR A 269 2.18 -7.53 5.67
CA TYR A 269 3.05 -6.43 6.11
C TYR A 269 3.88 -5.87 4.95
N ASN A 270 4.43 -6.76 4.14
CA ASN A 270 5.18 -6.38 2.95
C ASN A 270 4.22 -5.99 1.80
N PRO A 271 4.25 -4.69 1.36
CA PRO A 271 3.32 -4.25 0.30
C PRO A 271 3.43 -5.09 -0.98
N LYS A 272 4.63 -5.59 -1.29
CA LYS A 272 4.85 -6.38 -2.50
C LYS A 272 4.20 -7.78 -2.46
N MET A 273 3.85 -8.24 -1.27
N MET A 273 3.80 -8.23 -1.27
CA MET A 273 3.20 -9.55 -1.06
CA MET A 273 3.17 -9.54 -1.10
C MET A 273 1.67 -9.48 -1.27
C MET A 273 1.65 -9.49 -1.11
N ARG A 274 1.10 -8.29 -1.18
CA ARG A 274 -0.35 -8.12 -1.30
C ARG A 274 -0.84 -8.41 -2.72
N PRO A 275 -2.09 -8.86 -2.87
CA PRO A 275 -2.64 -8.96 -4.23
C PRO A 275 -2.91 -7.58 -4.81
N SER A 276 -2.89 -7.48 -6.13
CA SER A 276 -3.46 -6.32 -6.83
C SER A 276 -4.99 -6.37 -6.79
N PHE A 277 -5.67 -5.26 -7.10
CA PHE A 277 -7.15 -5.33 -7.23
C PHE A 277 -7.60 -6.33 -8.30
N LEU A 278 -6.87 -6.42 -9.42
CA LEU A 278 -7.21 -7.43 -10.46
C LEU A 278 -7.11 -8.85 -9.90
N GLU A 279 -6.08 -9.12 -9.10
CA GLU A 279 -5.91 -10.45 -8.48
C GLU A 279 -7.03 -10.73 -7.46
N ILE A 280 -7.40 -9.74 -6.68
CA ILE A 280 -8.57 -9.83 -5.76
C ILE A 280 -9.82 -10.25 -6.54
N ILE A 281 -10.11 -9.56 -7.63
CA ILE A 281 -11.32 -9.90 -8.43
C ILE A 281 -11.22 -11.31 -9.02
N SER A 282 -10.04 -11.70 -9.50
CA SER A 282 -9.85 -13.06 -9.99
C SER A 282 -10.23 -14.13 -8.96
N SER A 283 -9.92 -13.85 -7.69
CA SER A 283 -10.17 -14.80 -6.60
C SER A 283 -11.66 -14.93 -6.21
N ILE A 284 -12.48 -13.95 -6.56
CA ILE A 284 -13.91 -13.95 -6.23
C ILE A 284 -14.84 -13.88 -7.45
N LYS A 285 -14.31 -13.87 -8.68
CA LYS A 285 -15.17 -13.65 -9.87
C LYS A 285 -16.22 -14.73 -10.05
N GLU A 286 -15.89 -15.96 -9.65
CA GLU A 286 -16.87 -17.05 -9.74
C GLU A 286 -18.14 -16.82 -8.92
N GLU A 287 -18.04 -16.00 -7.87
CA GLU A 287 -19.16 -15.69 -6.97
C GLU A 287 -19.83 -14.37 -7.29
N MET A 288 -19.36 -13.66 -8.33
CA MET A 288 -20.00 -12.40 -8.73
C MET A 288 -21.27 -12.70 -9.52
N GLU A 289 -22.30 -11.88 -9.29
CA GLU A 289 -23.63 -12.11 -9.84
C GLU A 289 -23.61 -11.91 -11.34
N PRO A 290 -24.56 -12.56 -12.05
CA PRO A 290 -24.75 -12.30 -13.46
C PRO A 290 -24.98 -10.83 -13.70
N GLY A 291 -24.18 -10.27 -14.60
CA GLY A 291 -24.21 -8.85 -14.89
C GLY A 291 -22.83 -8.26 -14.76
N PHE A 292 -22.05 -8.77 -13.80
CA PHE A 292 -20.70 -8.23 -13.54
C PHE A 292 -19.80 -8.30 -14.78
N ARG A 293 -19.90 -9.39 -15.54
CA ARG A 293 -19.12 -9.58 -16.77
C ARG A 293 -19.37 -8.45 -17.76
N GLU A 294 -20.60 -7.95 -17.79
N GLU A 294 -20.60 -7.92 -17.75
CA GLU A 294 -21.01 -6.98 -18.78
CA GLU A 294 -21.05 -6.99 -18.78
C GLU A 294 -20.64 -5.52 -18.47
C GLU A 294 -20.75 -5.51 -18.47
N VAL A 295 -20.55 -5.19 -17.19
CA VAL A 295 -20.26 -3.80 -16.77
C VAL A 295 -18.88 -3.55 -16.15
N SER A 296 -18.14 -4.60 -15.82
CA SER A 296 -16.90 -4.43 -15.08
C SER A 296 -15.72 -4.02 -15.93
N PHE A 297 -14.81 -3.28 -15.32
CA PHE A 297 -13.48 -3.04 -15.88
C PHE A 297 -12.76 -4.35 -16.10
N TYR A 298 -12.82 -5.24 -15.10
CA TYR A 298 -12.10 -6.52 -15.15
C TYR A 298 -12.31 -7.29 -16.45
N TYR A 299 -13.56 -7.40 -16.89
CA TYR A 299 -13.93 -8.15 -18.10
C TYR A 299 -13.94 -7.30 -19.39
N SER A 300 -13.65 -6.00 -19.28
CA SER A 300 -13.72 -5.08 -20.41
C SER A 300 -12.50 -5.16 -21.34
N GLU A 301 -12.68 -4.62 -22.55
CA GLU A 301 -11.58 -4.49 -23.52
C GLU A 301 -10.46 -3.56 -23.02
N GLU A 302 -10.79 -2.61 -22.15
CA GLU A 302 -9.80 -1.70 -21.56
C GLU A 302 -8.77 -2.36 -20.65
N ASN A 303 -9.14 -3.49 -20.06
CA ASN A 303 -8.24 -4.20 -19.16
C ASN A 303 -7.24 -5.02 -19.98
N LYS A 304 -6.10 -4.42 -20.28
CA LYS A 304 -5.07 -5.05 -21.12
C LYS A 304 -3.73 -4.30 -21.02
N ALA B 1 43.06 -36.48 5.24
CA ALA B 1 42.17 -35.50 5.95
C ALA B 1 41.67 -36.02 7.30
N ALA B 2 41.35 -37.31 7.35
CA ALA B 2 40.91 -37.96 8.58
C ALA B 2 42.07 -38.18 9.56
N ASP B 3 43.30 -38.22 9.05
CA ASP B 3 44.47 -38.51 9.87
C ASP B 3 45.28 -37.27 10.26
N VAL B 4 45.38 -36.29 9.36
CA VAL B 4 46.41 -35.26 9.48
C VAL B 4 45.96 -33.88 9.02
N TYR B 5 46.46 -32.84 9.69
CA TYR B 5 46.29 -31.45 9.28
C TYR B 5 47.64 -30.90 8.82
N VAL B 6 47.67 -30.30 7.64
CA VAL B 6 48.92 -29.77 7.07
C VAL B 6 48.92 -28.24 7.23
N PRO B 7 49.91 -27.69 7.98
CA PRO B 7 49.91 -26.24 8.19
C PRO B 7 50.20 -25.46 6.91
N ASP B 8 49.53 -24.33 6.72
CA ASP B 8 49.56 -23.64 5.44
C ASP B 8 49.58 -22.09 5.59
N GLU B 9 49.05 -21.40 4.60
CA GLU B 9 49.05 -19.93 4.61
C GLU B 9 48.21 -19.33 5.74
N TRP B 10 47.33 -20.15 6.33
CA TRP B 10 46.56 -19.74 7.48
C TRP B 10 47.31 -19.82 8.82
N GLU B 11 48.49 -20.46 8.83
CA GLU B 11 49.26 -20.62 10.05
C GLU B 11 49.75 -19.26 10.57
N VAL B 12 49.53 -19.01 11.86
CA VAL B 12 49.98 -17.79 12.51
C VAL B 12 51.04 -18.15 13.56
N ALA B 13 52.14 -17.38 13.59
CA ALA B 13 53.16 -17.55 14.62
C ALA B 13 52.56 -17.34 16.00
N ARG B 14 52.79 -18.31 16.90
CA ARG B 14 52.25 -18.25 18.25
C ARG B 14 52.55 -16.91 18.94
N GLU B 15 53.74 -16.37 18.70
CA GLU B 15 54.18 -15.11 19.31
C GLU B 15 53.39 -13.88 18.86
N LYS B 16 52.59 -13.99 17.80
CA LYS B 16 51.75 -12.88 17.34
C LYS B 16 50.37 -12.86 18.00
N ILE B 17 50.11 -13.83 18.87
CA ILE B 17 48.82 -13.99 19.55
C ILE B 17 48.99 -13.77 21.05
N THR B 18 48.17 -12.88 21.63
CA THR B 18 48.13 -12.69 23.08
C THR B 18 46.71 -12.93 23.56
N MET B 19 46.57 -13.61 24.70
CA MET B 19 45.25 -13.91 25.27
C MET B 19 45.03 -13.11 26.53
N SER B 20 43.88 -12.42 26.62
CA SER B 20 43.63 -11.48 27.71
C SER B 20 42.65 -11.99 28.79
N ARG B 21 41.58 -12.65 28.37
CA ARG B 21 40.55 -13.14 29.30
C ARG B 21 39.69 -14.24 28.70
N GLU B 22 39.10 -15.06 29.59
CA GLU B 22 38.22 -16.15 29.17
C GLU B 22 36.90 -15.64 28.61
N LEU B 23 36.46 -16.24 27.51
CA LEU B 23 35.10 -16.05 27.00
C LEU B 23 34.16 -17.20 27.43
N GLY B 24 34.68 -18.41 27.54
CA GLY B 24 33.91 -19.56 28.02
C GLY B 24 34.34 -20.90 27.43
N GLN B 25 33.86 -21.98 28.05
CA GLN B 25 34.17 -23.34 27.59
C GLN B 25 33.51 -23.62 26.23
N GLY B 26 34.33 -23.97 25.25
CA GLY B 26 33.88 -24.45 23.95
C GLY B 26 33.84 -25.96 23.97
N SER B 27 33.49 -26.58 22.85
CA SER B 27 33.31 -28.03 22.85
C SER B 27 34.65 -28.78 22.89
N PHE B 28 35.74 -28.12 22.49
CA PHE B 28 37.09 -28.72 22.47
C PHE B 28 38.05 -28.23 23.57
N GLY B 29 37.68 -27.12 24.21
CA GLY B 29 38.47 -26.52 25.31
C GLY B 29 38.04 -25.07 25.53
N MET B 30 38.75 -24.36 26.39
CA MET B 30 38.45 -22.96 26.70
C MET B 30 38.65 -22.02 25.51
N VAL B 31 37.77 -21.03 25.44
CA VAL B 31 37.84 -19.95 24.45
C VAL B 31 38.18 -18.64 25.15
N TYR B 32 39.08 -17.87 24.53
CA TYR B 32 39.59 -16.62 25.09
C TYR B 32 39.35 -15.45 24.16
N GLU B 33 39.36 -14.25 24.72
CA GLU B 33 39.51 -13.02 23.92
C GLU B 33 41.00 -12.64 23.92
N GLY B 34 41.46 -12.04 22.83
CA GLY B 34 42.86 -11.59 22.74
C GLY B 34 43.12 -10.67 21.56
N VAL B 35 44.39 -10.57 21.19
CA VAL B 35 44.85 -9.72 20.09
C VAL B 35 45.79 -10.55 19.21
N ALA B 36 45.62 -10.43 17.89
CA ALA B 36 46.49 -11.10 16.93
C ALA B 36 47.09 -10.05 15.99
N LYS B 37 48.39 -10.15 15.75
CA LYS B 37 49.09 -9.26 14.82
C LYS B 37 49.06 -9.82 13.40
N GLY B 38 48.76 -8.96 12.42
CA GLY B 38 48.90 -9.32 11.00
C GLY B 38 47.83 -10.20 10.37
N VAL B 39 46.62 -10.19 10.91
CA VAL B 39 45.57 -11.09 10.42
C VAL B 39 44.51 -10.41 9.55
N VAL B 40 44.48 -9.08 9.57
CA VAL B 40 43.53 -8.32 8.74
C VAL B 40 44.30 -7.24 7.99
N LYS B 41 44.03 -7.12 6.68
CA LYS B 41 44.74 -6.13 5.86
C LYS B 41 44.55 -4.75 6.46
N ASP B 42 45.63 -3.96 6.45
CA ASP B 42 45.64 -2.57 6.93
C ASP B 42 45.51 -2.40 8.45
N GLU B 43 45.46 -3.51 9.19
CA GLU B 43 45.41 -3.47 10.65
C GLU B 43 46.67 -4.12 11.25
N PRO B 44 47.57 -3.32 11.84
CA PRO B 44 48.74 -3.88 12.53
C PRO B 44 48.35 -4.98 13.51
N GLU B 45 47.24 -4.78 14.22
CA GLU B 45 46.69 -5.81 15.10
C GLU B 45 45.18 -5.69 15.23
N THR B 46 44.57 -6.79 15.64
CA THR B 46 43.14 -6.98 15.58
C THR B 46 42.66 -7.72 16.84
N ARG B 47 41.56 -7.26 17.43
CA ARG B 47 40.92 -7.97 18.53
C ARG B 47 40.24 -9.23 17.98
N VAL B 48 40.45 -10.37 18.65
CA VAL B 48 40.04 -11.66 18.12
C VAL B 48 39.49 -12.57 19.22
N ALA B 49 38.73 -13.57 18.79
CA ALA B 49 38.42 -14.70 19.66
C ALA B 49 39.40 -15.84 19.36
N ILE B 50 39.82 -16.54 20.41
CA ILE B 50 40.81 -17.60 20.32
C ILE B 50 40.28 -18.90 20.94
N LYS B 51 39.99 -19.89 20.09
CA LYS B 51 39.55 -21.19 20.58
C LYS B 51 40.79 -22.03 20.83
N THR B 52 40.74 -22.84 21.87
CA THR B 52 41.85 -23.77 22.17
C THR B 52 41.37 -25.22 22.30
N VAL B 53 42.32 -26.14 22.12
CA VAL B 53 42.11 -27.56 22.41
C VAL B 53 42.70 -27.85 23.78
N ASN B 54 41.90 -28.41 24.65
CA ASN B 54 42.33 -28.74 25.99
C ASN B 54 43.50 -29.73 25.96
N GLU B 55 44.40 -29.57 26.94
CA GLU B 55 45.59 -30.42 27.09
C GLU B 55 45.26 -31.91 27.14
N ALA B 56 44.13 -32.24 27.75
CA ALA B 56 43.71 -33.63 27.90
C ALA B 56 43.04 -34.22 26.65
N ALA B 57 42.85 -33.41 25.61
CA ALA B 57 42.20 -33.90 24.38
C ALA B 57 43.04 -34.97 23.69
N SER B 58 42.36 -35.85 22.95
CA SER B 58 43.05 -36.91 22.20
C SER B 58 43.65 -36.38 20.89
N MET B 59 44.38 -37.26 20.21
CA MET B 59 44.91 -36.97 18.87
C MET B 59 43.77 -36.72 17.89
N ARG B 60 42.78 -37.61 17.91
CA ARG B 60 41.63 -37.54 17.01
C ARG B 60 40.79 -36.27 17.21
N GLU B 61 40.69 -35.81 18.46
CA GLU B 61 39.92 -34.61 18.77
C GLU B 61 40.60 -33.35 18.25
N ARG B 62 41.94 -33.31 18.34
CA ARG B 62 42.73 -32.23 17.75
C ARG B 62 42.47 -32.11 16.24
N ILE B 63 42.38 -33.25 15.56
CA ILE B 63 42.15 -33.24 14.12
C ILE B 63 40.72 -32.77 13.81
N GLU B 64 39.73 -33.26 14.55
CA GLU B 64 38.33 -32.79 14.39
C GLU B 64 38.24 -31.27 14.53
N PHE B 65 38.88 -30.76 15.58
CA PHE B 65 38.99 -29.31 15.83
C PHE B 65 39.59 -28.60 14.61
N LEU B 66 40.70 -29.12 14.12
CA LEU B 66 41.34 -28.50 12.95
C LEU B 66 40.56 -28.64 11.65
N ASN B 67 39.88 -29.78 11.46
N ASN B 67 39.88 -29.78 11.46
CA ASN B 67 39.03 -29.95 10.28
CA ASN B 67 39.01 -29.94 10.27
C ASN B 67 37.84 -28.98 10.27
C ASN B 67 37.86 -28.94 10.27
N GLU B 68 37.34 -28.63 11.47
CA GLU B 68 36.26 -27.61 11.59
C GLU B 68 36.76 -26.27 11.07
N ALA B 69 38.02 -25.95 11.33
CA ALA B 69 38.62 -24.74 10.82
C ALA B 69 38.85 -24.83 9.31
N SER B 70 39.31 -26.00 8.86
CA SER B 70 39.64 -26.21 7.45
C SER B 70 38.42 -25.96 6.56
N VAL B 71 37.25 -26.43 6.98
CA VAL B 71 36.03 -26.22 6.19
C VAL B 71 35.70 -24.74 6.01
N MET B 72 36.03 -23.90 6.99
CA MET B 72 35.67 -22.49 6.93
C MET B 72 36.66 -21.62 6.16
N LYS B 73 37.80 -22.18 5.76
CA LYS B 73 38.81 -21.42 5.04
C LYS B 73 38.29 -20.84 3.72
N GLU B 74 37.34 -21.52 3.10
CA GLU B 74 36.80 -21.08 1.82
C GLU B 74 35.72 -20.00 1.92
N PHE B 75 35.24 -19.71 3.13
CA PHE B 75 34.10 -18.80 3.26
C PHE B 75 34.46 -17.34 3.52
N ASN B 76 33.72 -16.45 2.88
CA ASN B 76 33.89 -15.02 3.06
C ASN B 76 32.54 -14.32 2.83
N CYS B 77 31.77 -14.18 3.91
CA CYS B 77 30.44 -13.60 3.89
C CYS B 77 30.29 -12.66 5.09
N HIS B 78 29.69 -11.50 4.84
CA HIS B 78 29.46 -10.51 5.91
C HIS B 78 28.63 -11.08 7.05
N HIS B 79 27.75 -12.04 6.73
CA HIS B 79 26.82 -12.58 7.73
C HIS B 79 27.22 -13.94 8.32
N VAL B 80 28.49 -14.28 8.14
CA VAL B 80 29.09 -15.48 8.75
C VAL B 80 30.40 -15.06 9.42
N VAL B 81 30.59 -15.49 10.67
CA VAL B 81 31.79 -15.15 11.43
C VAL B 81 33.02 -15.68 10.68
N ARG B 82 34.03 -14.84 10.51
CA ARG B 82 35.21 -15.19 9.70
C ARG B 82 36.30 -15.94 10.49
N LEU B 83 36.89 -16.94 9.82
CA LEU B 83 38.17 -17.55 10.24
C LEU B 83 39.30 -16.55 9.96
N LEU B 84 40.20 -16.36 10.92
CA LEU B 84 41.35 -15.47 10.73
C LEU B 84 42.73 -16.15 10.76
N GLY B 85 42.81 -17.33 11.37
CA GLY B 85 44.11 -18.04 11.45
C GLY B 85 44.07 -19.31 12.27
N VAL B 86 45.19 -20.02 12.23
CA VAL B 86 45.34 -21.31 12.91
C VAL B 86 46.78 -21.41 13.47
N VAL B 87 46.88 -22.02 14.64
CA VAL B 87 48.17 -22.43 15.20
C VAL B 87 48.09 -23.92 15.48
N SER B 88 48.74 -24.71 14.61
CA SER B 88 48.71 -26.17 14.67
C SER B 88 50.08 -26.79 15.05
N GLN B 89 51.08 -25.94 15.31
CA GLN B 89 52.42 -26.37 15.70
C GLN B 89 52.62 -26.22 17.19
N GLY B 90 52.95 -27.31 17.87
CA GLY B 90 53.12 -27.30 19.32
C GLY B 90 51.79 -27.19 20.04
N GLN B 91 51.85 -26.86 21.33
CA GLN B 91 50.65 -26.77 22.18
C GLN B 91 50.55 -25.41 22.87
N PRO B 92 49.31 -24.96 23.15
CA PRO B 92 48.05 -25.61 22.77
C PRO B 92 47.67 -25.32 21.32
N THR B 93 46.80 -26.15 20.75
CA THR B 93 46.28 -25.92 19.39
C THR B 93 45.30 -24.76 19.48
N LEU B 94 45.43 -23.80 18.58
CA LEU B 94 44.54 -22.61 18.55
C LEU B 94 43.88 -22.40 17.17
N VAL B 95 42.67 -21.82 17.20
CA VAL B 95 42.01 -21.29 16.02
C VAL B 95 41.56 -19.86 16.35
N ILE B 96 41.89 -18.93 15.45
CA ILE B 96 41.66 -17.49 15.61
C ILE B 96 40.45 -17.11 14.76
N MET B 97 39.46 -16.47 15.39
CA MET B 97 38.20 -16.08 14.74
C MET B 97 37.86 -14.58 14.94
N GLU B 98 37.05 -14.03 14.03
CA GLU B 98 36.48 -12.69 14.17
C GLU B 98 35.77 -12.58 15.53
N LEU B 99 36.04 -11.51 16.27
CA LEU B 99 35.45 -11.29 17.60
C LEU B 99 34.06 -10.62 17.49
N MET B 100 33.08 -11.20 18.17
CA MET B 100 31.70 -10.69 18.14
C MET B 100 31.42 -10.22 19.58
N THR B 101 31.57 -8.91 19.82
CA THR B 101 31.71 -8.37 21.18
C THR B 101 30.49 -8.50 22.10
N ARG B 102 29.31 -8.67 21.52
CA ARG B 102 28.07 -8.82 22.31
C ARG B 102 27.66 -10.27 22.56
N GLY B 103 28.48 -11.23 22.08
CA GLY B 103 28.27 -12.64 22.40
C GLY B 103 27.20 -13.37 21.61
N ASP B 104 26.79 -14.53 22.12
CA ASP B 104 25.79 -15.34 21.43
C ASP B 104 24.39 -14.75 21.57
N LEU B 105 23.57 -15.00 20.56
CA LEU B 105 22.24 -14.38 20.48
C LEU B 105 21.25 -14.87 21.57
N LYS B 106 21.33 -16.15 21.94
CA LYS B 106 20.47 -16.66 23.04
C LYS B 106 20.71 -15.90 24.34
N SER B 107 21.98 -15.77 24.71
CA SER B 107 22.36 -15.05 25.92
C SER B 107 21.91 -13.59 25.83
N TYR B 108 22.09 -13.00 24.66
CA TYR B 108 21.78 -11.59 24.49
C TYR B 108 20.27 -11.36 24.68
N LEU B 109 19.47 -12.17 24.00
CA LEU B 109 18.02 -12.09 24.12
C LEU B 109 17.57 -12.24 25.59
N ARG B 110 18.12 -13.23 26.27
CA ARG B 110 17.77 -13.46 27.67
C ARG B 110 18.14 -12.25 28.56
N SER B 111 19.25 -11.57 28.24
CA SER B 111 19.66 -10.38 28.99
C SER B 111 18.66 -9.21 28.91
N LEU B 112 17.79 -9.22 27.89
CA LEU B 112 16.78 -8.17 27.70
C LEU B 112 15.55 -8.38 28.55
N ARG B 113 15.42 -9.55 29.13
CA ARG B 113 14.30 -9.84 30.01
C ARG B 113 14.45 -9.03 31.27
N PRO B 114 13.33 -8.53 31.81
CA PRO B 114 13.33 -7.59 32.95
C PRO B 114 13.99 -8.16 34.21
N PRO B 124 12.20 -3.92 24.73
CA PRO B 124 11.50 -4.95 23.98
C PRO B 124 11.67 -4.72 22.47
N PRO B 125 12.49 -5.57 21.80
CA PRO B 125 12.94 -5.28 20.43
C PRO B 125 11.78 -5.11 19.43
N SER B 126 11.84 -4.02 18.68
CA SER B 126 10.82 -3.68 17.69
C SER B 126 10.72 -4.68 16.55
N LEU B 127 9.60 -4.66 15.83
CA LEU B 127 9.47 -5.48 14.62
C LEU B 127 10.59 -5.17 13.65
N SER B 128 10.92 -3.89 13.45
CA SER B 128 12.04 -3.57 12.53
C SER B 128 13.35 -4.27 12.93
N LYS B 129 13.70 -4.19 14.21
CA LYS B 129 14.89 -4.91 14.73
C LYS B 129 14.84 -6.43 14.48
N MET B 130 13.69 -7.04 14.79
N MET B 130 13.70 -7.04 14.79
CA MET B 130 13.51 -8.48 14.60
CA MET B 130 13.54 -8.49 14.60
C MET B 130 13.67 -8.88 13.13
C MET B 130 13.66 -8.90 13.13
N ILE B 131 13.09 -8.11 12.23
CA ILE B 131 13.25 -8.34 10.79
C ILE B 131 14.73 -8.24 10.35
N GLN B 132 15.45 -7.24 10.84
CA GLN B 132 16.87 -7.13 10.48
C GLN B 132 17.65 -8.37 10.87
N MET B 133 17.42 -8.85 12.08
CA MET B 133 18.11 -10.06 12.54
C MET B 133 17.71 -11.28 11.70
N ALA B 134 16.41 -11.43 11.44
CA ALA B 134 15.92 -12.50 10.56
C ALA B 134 16.61 -12.53 9.19
N GLY B 135 16.67 -11.37 8.53
CA GLY B 135 17.32 -11.23 7.22
C GLY B 135 18.82 -11.51 7.20
N GLU B 136 19.53 -11.01 8.21
CA GLU B 136 20.98 -11.29 8.36
C GLU B 136 21.26 -12.78 8.51
N ILE B 137 20.50 -13.43 9.40
CA ILE B 137 20.63 -14.87 9.63
C ILE B 137 20.28 -15.64 8.36
N ALA B 138 19.17 -15.30 7.72
CA ALA B 138 18.77 -15.97 6.49
C ALA B 138 19.80 -15.81 5.38
N ASP B 139 20.42 -14.64 5.30
CA ASP B 139 21.40 -14.35 4.27
C ASP B 139 22.68 -15.16 4.49
N GLY B 140 23.16 -15.22 5.73
CA GLY B 140 24.30 -16.06 6.04
C GLY B 140 24.03 -17.52 5.69
N MET B 141 22.85 -17.99 6.04
CA MET B 141 22.44 -19.38 5.73
C MET B 141 22.26 -19.62 4.23
N ALA B 142 21.73 -18.65 3.48
CA ALA B 142 21.66 -18.77 2.03
C ALA B 142 23.04 -18.92 1.39
N TYR B 143 24.00 -18.12 1.86
CA TYR B 143 25.39 -18.22 1.41
C TYR B 143 25.97 -19.62 1.67
N LEU B 144 25.81 -20.11 2.90
CA LEU B 144 26.33 -21.43 3.28
C LEU B 144 25.70 -22.54 2.44
N ASN B 145 24.38 -22.55 2.36
CA ASN B 145 23.66 -23.54 1.58
C ASN B 145 24.07 -23.46 0.09
N ALA B 146 24.30 -22.26 -0.46
CA ALA B 146 24.69 -22.13 -1.87
C ALA B 146 26.07 -22.74 -2.13
N ASN B 147 26.89 -22.73 -1.09
CA ASN B 147 28.23 -23.33 -1.14
C ASN B 147 28.24 -24.77 -0.60
N LYS B 148 27.08 -25.44 -0.66
CA LYS B 148 26.95 -26.87 -0.31
C LYS B 148 27.25 -27.20 1.15
N PHE B 149 27.06 -26.23 2.04
CA PHE B 149 27.24 -26.41 3.47
C PHE B 149 25.87 -26.47 4.14
N VAL B 150 25.52 -27.62 4.71
CA VAL B 150 24.33 -27.76 5.54
C VAL B 150 24.75 -27.60 7.01
N HIS B 151 24.10 -26.70 7.74
CA HIS B 151 24.60 -26.31 9.09
C HIS B 151 24.38 -27.42 10.13
N ARG B 152 23.15 -27.90 10.17
CA ARG B 152 22.76 -29.00 11.09
C ARG B 152 22.49 -28.58 12.55
N ASP B 153 22.89 -27.38 12.96
CA ASP B 153 22.66 -26.91 14.34
C ASP B 153 22.35 -25.42 14.38
N LEU B 154 21.52 -24.95 13.46
CA LEU B 154 21.07 -23.59 13.50
C LEU B 154 20.14 -23.35 14.72
N ALA B 155 20.43 -22.30 15.48
CA ALA B 155 19.76 -21.96 16.73
C ALA B 155 20.27 -20.62 17.20
N ALA B 156 19.51 -19.92 18.04
CA ALA B 156 19.97 -18.60 18.54
C ALA B 156 21.32 -18.68 19.26
N ARG B 157 21.57 -19.79 19.98
CA ARG B 157 22.86 -19.96 20.66
C ARG B 157 24.07 -20.05 19.70
N ASN B 158 23.79 -20.34 18.44
CA ASN B 158 24.82 -20.50 17.42
C ASN B 158 24.81 -19.36 16.39
N CYS B 159 24.23 -18.24 16.80
CA CYS B 159 24.33 -16.96 16.12
C CYS B 159 25.05 -16.01 17.08
N MET B 160 25.80 -15.05 16.58
CA MET B 160 26.55 -14.14 17.42
C MET B 160 26.21 -12.70 17.05
N VAL B 161 26.42 -11.80 18.01
CA VAL B 161 26.04 -10.38 17.89
C VAL B 161 27.27 -9.47 17.96
N ALA B 162 27.42 -8.61 16.95
CA ALA B 162 28.56 -7.71 16.86
C ALA B 162 28.36 -6.43 17.66
N GLU B 163 29.42 -5.67 17.81
CA GLU B 163 29.37 -4.39 18.49
C GLU B 163 28.23 -3.50 17.97
N ASP B 164 28.01 -3.52 16.66
CA ASP B 164 26.95 -2.71 16.04
C ASP B 164 25.61 -3.41 15.92
N PHE B 165 25.47 -4.56 16.60
CA PHE B 165 24.26 -5.37 16.63
C PHE B 165 24.01 -6.24 15.38
N THR B 166 24.94 -6.22 14.41
CA THR B 166 24.87 -7.15 13.30
C THR B 166 24.90 -8.61 13.84
N VAL B 167 23.93 -9.42 13.41
CA VAL B 167 23.91 -10.85 13.72
C VAL B 167 24.59 -11.65 12.60
N LYS B 168 25.43 -12.60 13.01
CA LYS B 168 26.15 -13.48 12.07
C LYS B 168 26.07 -14.95 12.55
N ILE B 169 26.13 -15.87 11.60
CA ILE B 169 26.17 -17.28 11.90
C ILE B 169 27.54 -17.62 12.48
N GLY B 170 27.56 -18.22 13.66
CA GLY B 170 28.84 -18.57 14.24
C GLY B 170 28.77 -19.05 15.67
N ASP B 171 29.72 -19.91 16.05
CA ASP B 171 29.78 -20.43 17.41
C ASP B 171 31.13 -21.11 17.70
N PHE B 172 31.39 -21.36 18.99
CA PHE B 172 32.61 -22.05 19.43
C PHE B 172 32.38 -23.50 19.92
N GLY B 173 31.20 -24.05 19.60
CA GLY B 173 30.77 -25.35 20.12
C GLY B 173 30.03 -25.18 21.44
N MET B 174 28.71 -25.40 21.41
CA MET B 174 27.81 -25.06 22.54
C MET B 174 27.36 -26.27 23.39
N THR B 175 27.94 -27.44 23.14
CA THR B 175 27.44 -28.68 23.74
C THR B 175 27.92 -28.90 25.17
N ARG B 176 28.89 -28.09 25.62
CA ARG B 176 29.57 -28.31 26.91
C ARG B 176 29.45 -27.19 27.95
N ASP B 177 28.69 -26.13 27.65
CA ASP B 177 28.51 -25.07 28.65
C ASP B 177 27.03 -24.93 29.04
N ILE B 178 26.57 -23.70 29.29
CA ILE B 178 25.28 -23.52 29.95
C ILE B 178 24.08 -23.89 29.09
N TYR B 179 24.25 -24.00 27.77
CA TYR B 179 23.16 -24.49 26.89
C TYR B 179 23.31 -25.97 26.51
N GLU B 180 24.10 -26.71 27.28
CA GLU B 180 24.25 -28.16 27.10
C GLU B 180 22.90 -28.89 27.10
N THR B 181 21.94 -28.39 27.88
CA THR B 181 20.60 -29.04 27.92
C THR B 181 19.72 -28.80 26.69
N ASP B 182 20.21 -28.01 25.72
CA ASP B 182 19.61 -27.91 24.39
C ASP B 182 19.93 -29.14 23.49
N TYR B 183 20.69 -30.11 24.02
CA TYR B 183 21.05 -31.34 23.30
C TYR B 183 20.61 -32.61 24.04
N TYR B 184 20.28 -33.63 23.26
CA TYR B 184 19.77 -34.91 23.71
C TYR B 184 20.62 -36.02 23.11
N ARG B 185 21.11 -36.94 23.93
CA ARG B 185 21.93 -38.03 23.39
C ARG B 185 21.25 -39.35 23.73
N LYS B 186 20.42 -39.82 22.82
CA LYS B 186 19.72 -41.10 22.97
C LYS B 186 20.66 -42.27 22.70
N GLY B 190 25.32 -39.38 18.54
CA GLY B 190 25.83 -38.24 19.28
C GLY B 190 24.75 -37.31 19.81
N LEU B 191 25.15 -36.08 20.08
CA LEU B 191 24.25 -35.07 20.65
C LEU B 191 23.34 -34.48 19.58
N LEU B 192 22.04 -34.44 19.86
CA LEU B 192 21.06 -33.93 18.89
C LEU B 192 20.30 -32.74 19.49
N PRO B 193 20.20 -31.65 18.74
CA PRO B 193 19.45 -30.49 19.16
C PRO B 193 17.95 -30.65 18.90
N VAL B 194 17.31 -31.57 19.62
CA VAL B 194 15.97 -32.07 19.23
C VAL B 194 14.89 -31.01 19.15
N ARG B 195 14.94 -29.98 20.01
CA ARG B 195 13.91 -28.91 19.98
C ARG B 195 14.04 -27.98 18.76
N TRP B 196 15.13 -28.12 18.01
CA TRP B 196 15.37 -27.33 16.78
C TRP B 196 15.25 -28.19 15.50
N MET B 197 15.00 -29.50 15.63
CA MET B 197 15.05 -30.44 14.49
C MET B 197 13.71 -30.65 13.76
N SER B 198 13.82 -30.82 12.44
CA SER B 198 12.67 -31.11 11.59
C SER B 198 12.11 -32.51 11.88
N PRO B 199 10.81 -32.72 11.61
CA PRO B 199 10.22 -34.04 11.78
C PRO B 199 10.98 -35.17 11.06
N GLU B 200 11.41 -34.93 9.81
CA GLU B 200 12.10 -35.95 9.04
C GLU B 200 13.53 -36.24 9.61
N SER B 201 14.20 -35.21 10.13
CA SER B 201 15.51 -35.40 10.78
C SER B 201 15.35 -36.20 12.08
N LEU B 202 14.28 -35.92 12.84
CA LEU B 202 14.00 -36.70 14.05
C LEU B 202 13.77 -38.17 13.72
N LYS B 203 13.21 -38.43 12.55
CA LYS B 203 12.90 -39.80 12.14
C LYS B 203 14.11 -40.58 11.63
N ASP B 204 14.90 -39.99 10.73
CA ASP B 204 15.98 -40.75 10.08
C ASP B 204 17.39 -40.20 10.28
N GLY B 205 17.51 -39.06 10.94
CA GLY B 205 18.81 -38.53 11.31
C GLY B 205 19.59 -37.85 10.20
N VAL B 206 18.94 -37.60 9.06
CA VAL B 206 19.59 -36.88 7.97
C VAL B 206 19.23 -35.40 8.01
N PHE B 207 20.21 -34.55 7.72
CA PHE B 207 20.04 -33.12 7.69
C PHE B 207 20.20 -32.60 6.25
N THR B 208 19.36 -31.62 5.90
CA THR B 208 19.32 -31.03 4.56
C THR B 208 19.17 -29.51 4.64
N THR B 209 19.26 -28.83 3.50
CA THR B 209 18.92 -27.42 3.49
C THR B 209 17.49 -27.19 3.99
N TYR B 210 16.59 -28.11 3.65
CA TYR B 210 15.18 -28.02 4.12
C TYR B 210 15.06 -28.07 5.65
N SER B 211 15.89 -28.87 6.32
CA SER B 211 15.81 -28.94 7.78
C SER B 211 16.51 -27.74 8.45
N ASP B 212 17.50 -27.13 7.78
CA ASP B 212 18.05 -25.85 8.22
C ASP B 212 16.94 -24.77 8.25
N VAL B 213 16.07 -24.76 7.23
CA VAL B 213 14.95 -23.80 7.19
C VAL B 213 13.97 -24.04 8.36
N TRP B 214 13.67 -25.31 8.66
CA TRP B 214 12.88 -25.67 9.86
C TRP B 214 13.49 -24.98 11.09
N SER B 215 14.79 -25.19 11.31
CA SER B 215 15.50 -24.62 12.45
C SER B 215 15.45 -23.08 12.49
N PHE B 216 15.54 -22.46 11.33
CA PHE B 216 15.37 -21.02 11.21
C PHE B 216 14.02 -20.53 11.75
N GLY B 217 12.94 -21.25 11.45
CA GLY B 217 11.63 -20.91 12.04
C GLY B 217 11.69 -20.92 13.57
N VAL B 218 12.39 -21.92 14.14
CA VAL B 218 12.57 -21.96 15.59
C VAL B 218 13.38 -20.75 16.09
N VAL B 219 14.41 -20.36 15.34
CA VAL B 219 15.20 -19.14 15.71
C VAL B 219 14.29 -17.89 15.73
N LEU B 220 13.41 -17.74 14.75
CA LEU B 220 12.41 -16.63 14.78
C LEU B 220 11.59 -16.64 16.07
N TRP B 221 11.15 -17.83 16.48
CA TRP B 221 10.33 -18.00 17.67
C TRP B 221 11.14 -17.61 18.93
N GLU B 222 12.41 -18.00 18.94
CA GLU B 222 13.32 -17.57 20.00
C GLU B 222 13.41 -16.04 20.07
N ILE B 223 13.60 -15.40 18.92
CA ILE B 223 13.69 -13.94 18.90
C ILE B 223 12.41 -13.33 19.48
N ALA B 224 11.26 -13.87 19.06
CA ALA B 224 9.95 -13.34 19.48
C ALA B 224 9.56 -13.62 20.95
N THR B 225 10.24 -14.58 21.59
CA THR B 225 10.00 -14.92 23.00
C THR B 225 11.16 -14.53 23.95
N LEU B 226 12.16 -13.81 23.43
CA LEU B 226 13.42 -13.54 24.17
C LEU B 226 14.04 -14.86 24.69
N ALA B 227 14.09 -15.82 23.79
CA ALA B 227 14.76 -17.11 23.95
C ALA B 227 14.21 -17.96 25.09
N GLU B 228 12.88 -18.11 25.12
CA GLU B 228 12.30 -19.19 25.90
C GLU B 228 12.78 -20.55 25.36
N GLN B 229 12.72 -21.60 26.18
N GLN B 229 12.71 -21.60 26.18
CA GLN B 229 13.00 -22.96 25.70
CA GLN B 229 13.01 -22.97 25.73
C GLN B 229 11.82 -23.38 24.83
C GLN B 229 11.83 -23.43 24.87
N PRO B 230 12.09 -23.81 23.59
CA PRO B 230 10.96 -24.30 22.77
C PRO B 230 10.34 -25.54 23.42
N TYR B 231 9.01 -25.64 23.39
CA TYR B 231 8.27 -26.80 23.95
C TYR B 231 8.54 -26.97 25.46
N GLN B 232 8.65 -25.84 26.16
CA GLN B 232 8.84 -25.83 27.61
C GLN B 232 7.75 -26.70 28.22
N GLY B 233 8.16 -27.60 29.12
CA GLY B 233 7.22 -28.49 29.79
C GLY B 233 7.18 -29.90 29.25
N LEU B 234 7.66 -30.08 28.02
CA LEU B 234 7.87 -31.39 27.41
C LEU B 234 9.31 -31.87 27.56
N SER B 235 9.46 -33.14 27.91
CA SER B 235 10.76 -33.80 27.91
C SER B 235 11.23 -33.99 26.48
N ASN B 236 12.50 -34.34 26.32
CA ASN B 236 13.09 -34.52 24.99
C ASN B 236 12.34 -35.59 24.19
N GLU B 237 12.02 -36.71 24.84
CA GLU B 237 11.26 -37.77 24.15
C GLU B 237 9.84 -37.30 23.79
N GLN B 238 9.21 -36.52 24.67
CA GLN B 238 7.89 -35.94 24.35
C GLN B 238 7.96 -34.95 23.17
N VAL B 239 9.03 -34.16 23.06
CA VAL B 239 9.22 -33.29 21.88
C VAL B 239 9.33 -34.12 20.58
N LEU B 240 10.14 -35.18 20.62
CA LEU B 240 10.29 -36.07 19.45
C LEU B 240 8.93 -36.51 18.92
N ARG B 241 8.09 -37.01 19.81
CA ARG B 241 6.74 -37.51 19.43
C ARG B 241 5.83 -36.39 18.93
N PHE B 242 5.79 -35.30 19.70
CA PHE B 242 4.93 -34.14 19.37
C PHE B 242 5.18 -33.61 17.96
N VAL B 243 6.45 -33.43 17.61
CA VAL B 243 6.86 -32.83 16.35
C VAL B 243 6.71 -33.85 15.24
N MET B 244 7.08 -35.11 15.48
CA MET B 244 6.89 -36.13 14.44
C MET B 244 5.40 -36.38 14.11
N GLU B 245 4.52 -36.19 15.10
CA GLU B 245 3.08 -36.32 14.89
C GLU B 245 2.40 -35.02 14.40
N GLY B 246 3.18 -34.05 13.97
CA GLY B 246 2.67 -32.82 13.32
C GLY B 246 2.31 -31.65 14.24
N GLY B 247 2.76 -31.69 15.48
CA GLY B 247 2.56 -30.58 16.44
C GLY B 247 3.48 -29.41 16.19
N LEU B 248 3.01 -28.21 16.56
CA LEU B 248 3.78 -26.97 16.39
C LEU B 248 3.85 -26.11 17.65
N LEU B 249 4.88 -25.29 17.73
CA LEU B 249 5.00 -24.22 18.72
C LEU B 249 3.82 -23.24 18.54
N ASP B 250 3.35 -22.70 19.67
CA ASP B 250 2.25 -21.71 19.67
C ASP B 250 2.75 -20.32 19.31
N LYS B 251 1.89 -19.49 18.73
CA LYS B 251 2.22 -18.08 18.49
C LYS B 251 2.58 -17.38 19.80
N PRO B 252 3.80 -16.83 19.89
CA PRO B 252 4.15 -16.08 21.10
C PRO B 252 3.23 -14.89 21.42
N ASP B 253 3.10 -14.59 22.70
CA ASP B 253 2.36 -13.41 23.13
C ASP B 253 2.92 -12.17 22.43
N ASN B 254 2.00 -11.39 21.85
CA ASN B 254 2.30 -10.11 21.19
C ASN B 254 3.14 -10.25 19.92
N CYS B 255 3.21 -11.45 19.36
CA CYS B 255 4.04 -11.68 18.19
C CYS B 255 3.43 -10.98 16.96
N PRO B 256 4.24 -10.20 16.21
CA PRO B 256 3.78 -9.64 14.92
C PRO B 256 3.28 -10.76 13.98
N ASP B 257 2.13 -10.56 13.36
CA ASP B 257 1.55 -11.62 12.54
C ASP B 257 2.49 -12.05 11.40
N MET B 258 3.17 -11.09 10.79
CA MET B 258 4.08 -11.42 9.69
C MET B 258 5.21 -12.37 10.11
N LEU B 259 5.68 -12.23 11.34
CA LEU B 259 6.72 -13.13 11.83
C LEU B 259 6.20 -14.54 12.08
N PHE B 260 5.01 -14.65 12.65
CA PHE B 260 4.43 -15.97 12.89
C PHE B 260 4.08 -16.67 11.58
N GLU B 261 3.60 -15.91 10.60
CA GLU B 261 3.33 -16.50 9.29
C GLU B 261 4.60 -17.04 8.66
N LEU B 262 5.72 -16.35 8.85
CA LEU B 262 7.02 -16.84 8.36
C LEU B 262 7.42 -18.14 9.06
N MET B 263 7.25 -18.20 10.39
CA MET B 263 7.49 -19.43 11.16
C MET B 263 6.70 -20.61 10.58
N ARG B 264 5.41 -20.40 10.36
CA ARG B 264 4.53 -21.43 9.80
C ARG B 264 4.98 -21.92 8.41
N MET B 265 5.53 -21.03 7.58
N MET B 265 5.52 -21.02 7.59
CA MET B 265 6.08 -21.46 6.30
CA MET B 265 6.09 -21.44 6.30
C MET B 265 7.31 -22.34 6.49
C MET B 265 7.30 -22.35 6.51
N CYS B 266 8.16 -22.00 7.46
CA CYS B 266 9.35 -22.81 7.78
C CYS B 266 9.01 -24.16 8.37
N TRP B 267 7.83 -24.25 9.00
CA TRP B 267 7.38 -25.47 9.69
C TRP B 267 6.38 -26.33 8.94
N GLN B 268 6.33 -26.17 7.62
N GLN B 268 6.35 -26.21 7.61
CA GLN B 268 5.59 -27.10 6.78
CA GLN B 268 5.49 -27.08 6.83
C GLN B 268 6.09 -28.50 7.10
C GLN B 268 6.04 -28.49 6.92
N TYR B 269 5.16 -29.43 7.27
CA TYR B 269 5.55 -30.82 7.57
C TYR B 269 6.39 -31.43 6.43
N ASN B 270 5.96 -31.21 5.19
CA ASN B 270 6.68 -31.70 4.01
C ASN B 270 7.86 -30.75 3.73
N PRO B 271 9.12 -31.25 3.78
CA PRO B 271 10.30 -30.40 3.57
C PRO B 271 10.27 -29.68 2.21
N LYS B 272 9.68 -30.33 1.19
CA LYS B 272 9.61 -29.77 -0.16
C LYS B 272 8.65 -28.57 -0.29
N MET B 273 7.77 -28.40 0.70
N MET B 273 7.79 -28.38 0.71
CA MET B 273 6.82 -27.27 0.73
CA MET B 273 6.85 -27.25 0.71
C MET B 273 7.41 -26.01 1.36
C MET B 273 7.36 -26.02 1.45
N ARG B 274 8.51 -26.15 2.11
CA ARG B 274 9.14 -25.02 2.79
C ARG B 274 9.80 -24.07 1.80
N PRO B 275 9.91 -22.78 2.16
CA PRO B 275 10.70 -21.86 1.31
C PRO B 275 12.17 -22.18 1.44
N SER B 276 12.96 -21.84 0.42
CA SER B 276 14.42 -21.75 0.59
C SER B 276 14.79 -20.49 1.37
N PHE B 277 16.04 -20.39 1.81
CA PHE B 277 16.51 -19.14 2.43
C PHE B 277 16.41 -17.92 1.47
N LEU B 278 16.71 -18.14 0.19
CA LEU B 278 16.58 -17.05 -0.83
C LEU B 278 15.12 -16.59 -0.93
N GLU B 279 14.18 -17.53 -0.87
CA GLU B 279 12.76 -17.19 -0.94
C GLU B 279 12.27 -16.45 0.33
N ILE B 280 12.79 -16.86 1.49
CA ILE B 280 12.53 -16.15 2.77
C ILE B 280 12.99 -14.69 2.67
N ILE B 281 14.20 -14.48 2.18
CA ILE B 281 14.73 -13.11 2.01
C ILE B 281 13.89 -12.29 1.01
N SER B 282 13.48 -12.92 -0.09
N SER B 282 13.47 -12.90 -0.10
CA SER B 282 12.63 -12.26 -1.09
CA SER B 282 12.62 -12.19 -1.07
C SER B 282 11.32 -11.74 -0.47
C SER B 282 11.37 -11.66 -0.37
N SER B 283 10.80 -12.47 0.51
CA SER B 283 9.53 -12.11 1.18
C SER B 283 9.68 -10.96 2.20
N ILE B 284 10.90 -10.70 2.68
CA ILE B 284 11.15 -9.60 3.63
C ILE B 284 12.11 -8.51 3.16
N LYS B 285 12.61 -8.59 1.93
CA LYS B 285 13.65 -7.62 1.48
C LYS B 285 13.21 -6.16 1.50
N GLU B 286 11.93 -5.92 1.20
CA GLU B 286 11.33 -4.58 1.26
C GLU B 286 11.52 -3.93 2.64
N GLU B 287 11.59 -4.75 3.69
CA GLU B 287 11.68 -4.27 5.08
C GLU B 287 13.09 -4.30 5.64
N MET B 288 14.07 -4.70 4.83
CA MET B 288 15.47 -4.69 5.25
C MET B 288 16.04 -3.27 5.14
N GLU B 289 16.88 -2.92 6.11
CA GLU B 289 17.38 -1.56 6.24
C GLU B 289 18.31 -1.22 5.11
N PRO B 290 18.50 0.08 4.87
CA PRO B 290 19.51 0.55 3.94
C PRO B 290 20.87 0.03 4.35
N GLY B 291 21.57 -0.58 3.41
CA GLY B 291 22.83 -1.23 3.70
C GLY B 291 22.78 -2.68 3.31
N PHE B 292 21.63 -3.34 3.50
CA PHE B 292 21.53 -4.78 3.21
C PHE B 292 21.87 -5.11 1.75
N ARG B 293 21.46 -4.26 0.81
CA ARG B 293 21.73 -4.47 -0.61
C ARG B 293 23.24 -4.51 -0.88
N GLU B 294 24.01 -3.76 -0.11
N GLU B 294 24.01 -3.80 -0.06
CA GLU B 294 25.45 -3.61 -0.37
CA GLU B 294 25.43 -3.57 -0.34
C GLU B 294 26.33 -4.71 0.21
C GLU B 294 26.35 -4.64 0.27
N VAL B 295 25.88 -5.34 1.29
CA VAL B 295 26.66 -6.39 1.97
C VAL B 295 26.11 -7.80 1.84
N SER B 296 24.86 -7.97 1.38
CA SER B 296 24.24 -9.30 1.40
C SER B 296 24.68 -10.20 0.28
N PHE B 297 24.68 -11.51 0.58
CA PHE B 297 24.80 -12.54 -0.46
C PHE B 297 23.65 -12.43 -1.45
N TYR B 298 22.44 -12.21 -0.93
CA TYR B 298 21.23 -12.15 -1.78
C TYR B 298 21.36 -11.22 -2.99
N TYR B 299 21.86 -10.00 -2.74
CA TYR B 299 22.02 -8.98 -3.79
C TYR B 299 23.37 -9.02 -4.52
N SER B 300 24.25 -9.93 -4.12
CA SER B 300 25.61 -9.97 -4.68
C SER B 300 25.68 -10.66 -6.04
N GLU B 301 26.79 -10.43 -6.73
CA GLU B 301 27.07 -11.11 -8.00
C GLU B 301 27.20 -12.64 -7.86
N GLU B 302 27.59 -13.10 -6.68
CA GLU B 302 27.76 -14.54 -6.42
C GLU B 302 26.44 -15.31 -6.40
N ASN B 303 25.35 -14.63 -6.11
CA ASN B 303 24.03 -15.28 -6.10
C ASN B 303 23.55 -15.44 -7.54
N LYS B 304 23.97 -16.55 -8.15
CA LYS B 304 23.65 -16.86 -9.55
C LYS B 304 23.75 -18.36 -9.82
N ALA C 1 24.44 33.74 27.08
CA ALA C 1 25.29 33.06 26.05
C ALA C 1 26.78 33.31 26.30
N ALA C 2 27.13 34.58 26.40
CA ALA C 2 28.51 35.01 26.61
C ALA C 2 28.97 34.83 28.06
N ASP C 3 28.04 34.70 28.99
CA ASP C 3 28.38 34.62 30.41
C ASP C 3 27.98 33.30 31.11
N VAL C 4 27.04 32.54 30.55
CA VAL C 4 26.45 31.41 31.28
C VAL C 4 26.10 30.20 30.41
N TYR C 5 26.37 29.02 30.96
CA TYR C 5 25.91 27.75 30.39
C TYR C 5 24.84 27.16 31.31
N VAL C 6 23.69 26.81 30.74
CA VAL C 6 22.58 26.23 31.51
C VAL C 6 22.55 24.71 31.32
N PRO C 7 22.76 23.93 32.40
CA PRO C 7 22.75 22.47 32.20
C PRO C 7 21.37 21.93 31.81
N ASP C 8 21.34 20.98 30.89
CA ASP C 8 20.09 20.54 30.27
C ASP C 8 20.03 19.01 30.06
N GLU C 9 19.29 18.56 29.05
CA GLU C 9 19.13 17.13 28.79
C GLU C 9 20.43 16.44 28.37
N TRP C 10 21.46 17.21 28.02
CA TRP C 10 22.75 16.66 27.70
C TRP C 10 23.64 16.40 28.92
N GLU C 11 23.24 16.89 30.08
CA GLU C 11 24.02 16.72 31.30
C GLU C 11 24.10 15.25 31.67
N VAL C 12 25.32 14.78 31.93
CA VAL C 12 25.58 13.40 32.36
C VAL C 12 26.08 13.44 33.79
N ALA C 13 25.56 12.54 34.64
CA ALA C 13 26.06 12.38 36.00
C ALA C 13 27.53 11.99 35.99
N ARG C 14 28.34 12.71 36.76
CA ARG C 14 29.78 12.47 36.82
C ARG C 14 30.11 11.00 37.09
N GLU C 15 29.32 10.39 37.99
CA GLU C 15 29.51 8.99 38.39
C GLU C 15 29.35 7.96 37.26
N LYS C 16 28.75 8.37 36.14
CA LYS C 16 28.55 7.48 35.00
C LYS C 16 29.73 7.49 34.03
N ILE C 17 30.73 8.31 34.33
CA ILE C 17 31.91 8.50 33.47
C ILE C 17 33.16 7.98 34.17
N THR C 18 33.92 7.11 33.50
CA THR C 18 35.22 6.68 34.01
C THR C 18 36.28 6.94 32.95
N MET C 19 37.45 7.42 33.39
CA MET C 19 38.55 7.76 32.48
C MET C 19 39.66 6.74 32.65
N SER C 20 40.16 6.20 31.53
CA SER C 20 41.10 5.08 31.58
C SER C 20 42.55 5.48 31.21
N ARG C 21 42.72 6.38 30.24
CA ARG C 21 44.04 6.83 29.81
C ARG C 21 44.03 8.12 29.01
N GLU C 22 45.20 8.76 28.91
CA GLU C 22 45.33 10.02 28.20
C GLU C 22 45.34 9.82 26.70
N LEU C 23 44.63 10.69 25.99
CA LEU C 23 44.72 10.76 24.52
C LEU C 23 45.62 11.92 24.07
N GLY C 24 45.64 13.02 24.82
CA GLY C 24 46.55 14.14 24.55
C GLY C 24 45.99 15.50 24.93
N GLN C 25 46.88 16.50 24.94
CA GLN C 25 46.49 17.87 25.28
C GLN C 25 45.62 18.50 24.21
N GLY C 26 44.41 18.90 24.60
CA GLY C 26 43.52 19.69 23.76
C GLY C 26 43.73 21.17 24.05
N SER C 27 42.99 22.02 23.36
CA SER C 27 43.22 23.45 23.48
C SER C 27 42.76 24.03 24.84
N PHE C 28 41.83 23.33 25.51
CA PHE C 28 41.33 23.77 26.83
C PHE C 28 41.84 22.94 28.02
N GLY C 29 42.43 21.78 27.76
CA GLY C 29 42.91 20.87 28.81
C GLY C 29 43.16 19.47 28.24
N MET C 30 43.57 18.54 29.11
CA MET C 30 43.81 17.15 28.70
C MET C 30 42.54 16.43 28.20
N VAL C 31 42.73 15.60 27.19
CA VAL C 31 41.70 14.72 26.65
C VAL C 31 42.02 13.26 27.01
N TYR C 32 40.99 12.53 27.44
CA TYR C 32 41.12 11.16 27.90
C TYR C 32 40.26 10.19 27.09
N GLU C 33 40.63 8.92 27.08
CA GLU C 33 39.72 7.85 26.67
C GLU C 33 39.02 7.31 27.93
N GLY C 34 37.77 6.86 27.76
CA GLY C 34 37.03 6.32 28.90
C GLY C 34 35.76 5.62 28.49
N VAL C 35 34.86 5.46 29.46
CA VAL C 35 33.59 4.76 29.25
C VAL C 35 32.48 5.59 29.89
N ALA C 36 31.34 5.71 29.21
CA ALA C 36 30.20 6.44 29.74
C ALA C 36 28.97 5.54 29.68
N LYS C 37 28.18 5.56 30.76
CA LYS C 37 26.93 4.80 30.86
C LYS C 37 25.74 5.63 30.38
N GLY C 38 24.88 5.03 29.57
CA GLY C 38 23.59 5.63 29.23
C GLY C 38 23.59 6.73 28.18
N VAL C 39 24.60 6.77 27.32
CA VAL C 39 24.73 7.84 26.32
C VAL C 39 24.35 7.46 24.89
N VAL C 40 24.24 6.16 24.60
CA VAL C 40 23.79 5.70 23.29
C VAL C 40 22.65 4.68 23.48
N LYS C 41 21.57 4.87 22.70
CA LYS C 41 20.44 3.97 22.76
C LYS C 41 20.89 2.52 22.63
N ASP C 42 20.31 1.65 23.44
CA ASP C 42 20.56 0.19 23.43
C ASP C 42 21.97 -0.24 23.86
N GLU C 43 22.81 0.69 24.30
CA GLU C 43 24.14 0.35 24.83
C GLU C 43 24.19 0.70 26.32
N PRO C 44 24.30 -0.31 27.19
CA PRO C 44 24.49 -0.04 28.62
C PRO C 44 25.68 0.87 28.90
N GLU C 45 26.78 0.65 28.17
CA GLU C 45 28.00 1.43 28.29
C GLU C 45 28.60 1.66 26.90
N THR C 46 29.27 2.79 26.72
CA THR C 46 29.87 3.17 25.45
C THR C 46 31.30 3.69 25.64
N ARG C 47 32.23 3.26 24.79
CA ARG C 47 33.59 3.83 24.80
C ARG C 47 33.57 5.24 24.23
N VAL C 48 34.20 6.18 24.93
CA VAL C 48 34.10 7.59 24.57
C VAL C 48 35.43 8.33 24.70
N ALA C 49 35.54 9.45 24.00
CA ALA C 49 36.56 10.46 24.28
C ALA C 49 35.99 11.47 25.28
N ILE C 50 36.82 11.91 26.21
CA ILE C 50 36.42 12.86 27.26
C ILE C 50 37.37 14.06 27.28
N LYS C 51 36.87 15.22 26.85
CA LYS C 51 37.65 16.46 26.91
C LYS C 51 37.48 17.07 28.29
N THR C 52 38.54 17.67 28.82
CA THR C 52 38.44 18.41 30.09
C THR C 52 38.90 19.86 29.98
N VAL C 53 38.44 20.69 30.91
CA VAL C 53 38.98 22.03 31.13
C VAL C 53 39.98 21.95 32.27
N ASN C 54 41.20 22.42 32.02
CA ASN C 54 42.25 22.40 33.04
C ASN C 54 41.87 23.25 34.26
N GLU C 55 42.41 22.87 35.42
CA GLU C 55 42.12 23.54 36.69
C GLU C 55 42.42 25.04 36.68
N ALA C 56 43.50 25.41 36.00
CA ALA C 56 43.93 26.81 35.94
C ALA C 56 43.12 27.67 34.95
N ALA C 57 42.19 27.07 34.20
CA ALA C 57 41.41 27.84 33.23
C ALA C 57 40.58 28.92 33.91
N SER C 58 40.32 30.01 33.19
CA SER C 58 39.50 31.10 33.70
C SER C 58 38.02 30.77 33.56
N MET C 59 37.18 31.58 34.22
CA MET C 59 35.72 31.49 34.12
C MET C 59 35.29 31.59 32.67
N ARG C 60 35.86 32.54 31.94
CA ARG C 60 35.52 32.77 30.53
C ARG C 60 35.93 31.60 29.64
N GLU C 61 37.07 30.99 29.92
CA GLU C 61 37.55 29.84 29.13
C GLU C 61 36.60 28.65 29.27
N ARG C 62 36.12 28.42 30.49
CA ARG C 62 35.11 27.37 30.74
C ARG C 62 33.87 27.59 29.87
N ILE C 63 33.43 28.84 29.73
CA ILE C 63 32.24 29.15 28.93
C ILE C 63 32.49 28.92 27.44
N GLU C 64 33.66 29.34 26.94
CA GLU C 64 34.04 29.09 25.54
C GLU C 64 34.02 27.60 25.23
N PHE C 65 34.61 26.82 26.11
CA PHE C 65 34.63 25.36 26.03
C PHE C 65 33.21 24.79 25.96
N LEU C 66 32.32 25.30 26.82
CA LEU C 66 30.94 24.82 26.84
C LEU C 66 30.12 25.29 25.63
N ASN C 67 30.34 26.52 25.18
N ASN C 67 30.35 26.52 25.18
CA ASN C 67 29.65 27.02 23.99
CA ASN C 67 29.69 27.03 23.96
C ASN C 67 30.05 26.25 22.71
C ASN C 67 30.04 26.19 22.73
N GLU C 68 31.29 25.74 22.65
CA GLU C 68 31.72 24.87 21.55
C GLU C 68 30.92 23.58 21.52
N ALA C 69 30.64 23.03 22.70
CA ALA C 69 29.75 21.88 22.82
C ALA C 69 28.31 22.23 22.44
N SER C 70 27.84 23.38 22.93
CA SER C 70 26.47 23.83 22.68
C SER C 70 26.16 23.90 21.19
N VAL C 71 27.10 24.44 20.41
CA VAL C 71 26.88 24.56 18.96
C VAL C 71 26.70 23.19 18.27
N MET C 72 27.31 22.15 18.82
CA MET C 72 27.21 20.82 18.19
C MET C 72 25.99 20.01 18.63
N LYS C 73 25.19 20.53 19.57
CA LYS C 73 24.02 19.79 20.03
C LYS C 73 23.00 19.53 18.93
N GLU C 74 22.96 20.44 17.96
CA GLU C 74 21.98 20.32 16.88
C GLU C 74 22.39 19.35 15.76
N PHE C 75 23.64 18.89 15.77
CA PHE C 75 24.15 18.10 14.65
C PHE C 75 24.04 16.59 14.83
N ASN C 76 23.68 15.92 13.74
CA ASN C 76 23.66 14.47 13.67
C ASN C 76 23.89 14.01 12.22
N CYS C 77 25.17 13.74 11.93
CA CYS C 77 25.63 13.34 10.62
C CYS C 77 26.68 12.23 10.77
N HIS C 78 26.56 11.21 9.95
CA HIS C 78 27.51 10.07 9.96
C HIS C 78 28.96 10.49 9.77
N HIS C 79 29.17 11.57 9.04
CA HIS C 79 30.54 12.03 8.72
C HIS C 79 31.03 13.22 9.58
N VAL C 80 30.36 13.46 10.68
CA VAL C 80 30.81 14.44 11.69
C VAL C 80 30.80 13.77 13.07
N VAL C 81 31.90 13.91 13.80
CA VAL C 81 32.02 13.30 15.13
C VAL C 81 30.87 13.81 16.02
N ARG C 82 30.23 12.89 16.72
CA ARG C 82 29.05 13.22 17.52
C ARG C 82 29.36 13.68 18.95
N LEU C 83 28.64 14.72 19.40
CA LEU C 83 28.53 15.06 20.83
C LEU C 83 27.68 14.00 21.52
N LEU C 84 28.12 13.52 22.68
CA LEU C 84 27.36 12.54 23.47
C LEU C 84 26.89 13.04 24.84
N GLY C 85 27.56 14.05 25.40
CA GLY C 85 27.17 14.54 26.73
C GLY C 85 28.07 15.64 27.27
N VAL C 86 27.63 16.22 28.38
CA VAL C 86 28.31 17.33 29.05
C VAL C 86 28.24 17.15 30.59
N VAL C 87 29.32 17.52 31.27
CA VAL C 87 29.33 17.65 32.72
C VAL C 87 29.81 19.07 33.07
N SER C 88 28.85 19.92 33.43
CA SER C 88 29.07 21.34 33.71
C SER C 88 28.90 21.71 35.20
N GLN C 89 28.61 20.72 36.05
CA GLN C 89 28.42 20.90 37.49
C GLN C 89 29.64 20.43 38.23
N GLY C 90 30.23 21.30 39.04
CA GLY C 90 31.47 20.98 39.75
C GLY C 90 32.67 20.93 38.82
N GLN C 91 33.77 20.37 39.32
CA GLN C 91 35.04 20.30 38.58
C GLN C 91 35.55 18.85 38.49
N PRO C 92 36.26 18.52 37.39
CA PRO C 92 36.55 19.37 36.24
C PRO C 92 35.39 19.42 35.27
N THR C 93 35.35 20.44 34.41
CA THR C 93 34.33 20.52 33.35
C THR C 93 34.67 19.49 32.28
N LEU C 94 33.66 18.74 31.84
CA LEU C 94 33.85 17.67 30.83
C LEU C 94 32.88 17.78 29.65
N VAL C 95 33.37 17.38 28.48
CA VAL C 95 32.55 17.16 27.29
C VAL C 95 32.85 15.76 26.76
N ILE C 96 31.78 14.99 26.49
CA ILE C 96 31.87 13.59 26.08
C ILE C 96 31.56 13.48 24.60
N MET C 97 32.45 12.82 23.85
CA MET C 97 32.37 12.74 22.39
C MET C 97 32.51 11.29 21.88
N GLU C 98 31.97 11.03 20.68
CA GLU C 98 32.19 9.76 19.98
C GLU C 98 33.70 9.50 19.83
N LEU C 99 34.12 8.28 20.14
CA LEU C 99 35.53 7.88 20.09
C LEU C 99 35.93 7.41 18.71
N MET C 100 37.03 7.97 18.21
CA MET C 100 37.56 7.63 16.89
C MET C 100 38.90 6.94 17.15
N THR C 101 38.89 5.61 17.11
CA THR C 101 39.99 4.83 17.69
C THR C 101 41.34 4.94 16.98
N ARG C 102 41.33 5.33 15.71
CA ARG C 102 42.60 5.48 14.95
C ARG C 102 43.14 6.88 14.96
N GLY C 103 42.46 7.79 15.66
CA GLY C 103 43.01 9.14 15.88
C GLY C 103 42.88 10.11 14.75
N ASP C 104 43.67 11.19 14.80
CA ASP C 104 43.57 12.24 13.78
C ASP C 104 44.23 11.81 12.47
N LEU C 105 43.70 12.35 11.36
CA LEU C 105 44.13 11.94 10.03
C LEU C 105 45.57 12.35 9.69
N LYS C 106 46.02 13.49 10.18
CA LYS C 106 47.43 13.90 9.91
C LYS C 106 48.41 12.90 10.50
N SER C 107 48.18 12.53 11.75
CA SER C 107 49.00 11.56 12.47
C SER C 107 48.92 10.21 11.76
N TYR C 108 47.72 9.83 11.34
CA TYR C 108 47.54 8.54 10.68
C TYR C 108 48.33 8.47 9.37
N LEU C 109 48.17 9.49 8.53
CA LEU C 109 48.89 9.55 7.26
C LEU C 109 50.41 9.48 7.49
N ARG C 110 50.92 10.24 8.47
CA ARG C 110 52.36 10.23 8.76
C ARG C 110 52.85 8.87 9.22
N SER C 111 52.00 8.13 9.93
CA SER C 111 52.35 6.78 10.40
C SER C 111 52.57 5.80 9.26
N LEU C 112 52.01 6.07 8.08
CA LEU C 112 52.14 5.19 6.91
C LEU C 112 53.45 5.41 6.14
N ARG C 113 54.22 6.42 6.54
CA ARG C 113 55.49 6.69 5.90
C ARG C 113 56.51 5.68 6.38
N PRO C 114 57.40 5.25 5.49
CA PRO C 114 58.34 4.18 5.81
C PRO C 114 59.28 4.52 6.97
N PRO C 124 51.33 2.50 0.13
CA PRO C 124 50.67 3.80 -0.06
C PRO C 124 49.19 3.63 -0.41
N PRO C 125 48.32 4.47 0.18
CA PRO C 125 46.85 4.39 -0.03
C PRO C 125 46.46 4.45 -1.52
N SER C 126 45.67 3.48 -1.96
CA SER C 126 45.18 3.45 -3.35
C SER C 126 44.32 4.66 -3.71
N LEU C 127 44.14 4.89 -5.01
CA LEU C 127 43.20 5.93 -5.45
C LEU C 127 41.82 5.68 -4.87
N SER C 128 41.32 4.45 -4.92
CA SER C 128 39.97 4.18 -4.34
C SER C 128 39.88 4.63 -2.88
N LYS C 129 40.88 4.28 -2.07
CA LYS C 129 40.92 4.71 -0.65
C LYS C 129 40.93 6.24 -0.49
N MET C 130 41.78 6.93 -1.26
N MET C 130 41.76 6.93 -1.27
CA MET C 130 41.84 8.39 -1.23
CA MET C 130 41.85 8.38 -1.22
C MET C 130 40.51 9.02 -1.60
C MET C 130 40.53 9.03 -1.61
N ILE C 131 39.85 8.48 -2.63
CA ILE C 131 38.53 8.97 -3.05
C ILE C 131 37.49 8.81 -1.91
N GLN C 132 37.49 7.65 -1.25
CA GLN C 132 36.56 7.43 -0.13
C GLN C 132 36.71 8.48 0.95
N MET C 133 37.96 8.74 1.33
CA MET C 133 38.24 9.76 2.34
C MET C 133 37.80 11.15 1.88
N ALA C 134 38.11 11.49 0.64
CA ALA C 134 37.68 12.76 0.06
C ALA C 134 36.16 12.97 0.13
N GLY C 135 35.42 11.95 -0.29
CA GLY C 135 33.95 12.02 -0.28
C GLY C 135 33.34 12.11 1.11
N GLU C 136 33.87 11.35 2.06
CA GLU C 136 33.44 11.40 3.47
C GLU C 136 33.64 12.80 4.06
N ILE C 137 34.83 13.36 3.84
CA ILE C 137 35.15 14.69 4.32
C ILE C 137 34.23 15.73 3.67
N ALA C 138 34.06 15.64 2.36
CA ALA C 138 33.22 16.60 1.64
C ALA C 138 31.76 16.51 2.10
N ASP C 139 31.30 15.31 2.40
CA ASP C 139 29.93 15.10 2.80
C ASP C 139 29.67 15.69 4.19
N GLY C 140 30.59 15.49 5.14
CA GLY C 140 30.44 16.11 6.44
C GLY C 140 30.44 17.63 6.33
N MET C 141 31.32 18.15 5.48
CA MET C 141 31.40 19.59 5.25
C MET C 141 30.15 20.16 4.56
N ALA C 142 29.58 19.43 3.61
CA ALA C 142 28.33 19.84 2.95
C ALA C 142 27.19 19.92 3.99
N TYR C 143 27.13 18.94 4.88
CA TYR C 143 26.16 18.93 5.96
C TYR C 143 26.31 20.17 6.85
N LEU C 144 27.53 20.42 7.32
CA LEU C 144 27.78 21.59 8.16
C LEU C 144 27.43 22.90 7.46
N ASN C 145 27.93 23.07 6.25
CA ASN C 145 27.67 24.32 5.50
C ASN C 145 26.16 24.49 5.26
N ALA C 146 25.43 23.38 5.04
CA ALA C 146 23.97 23.47 4.79
C ALA C 146 23.22 23.93 6.02
N ASN C 147 23.82 23.65 7.18
CA ASN C 147 23.29 24.05 8.47
C ASN C 147 23.92 25.35 8.99
N LYS C 148 24.42 26.17 8.05
CA LYS C 148 24.99 27.52 8.33
C LYS C 148 26.21 27.51 9.26
N PHE C 149 26.98 26.44 9.20
CA PHE C 149 28.21 26.31 9.98
C PHE C 149 29.39 26.41 9.02
N VAL C 150 30.18 27.47 9.16
CA VAL C 150 31.49 27.57 8.47
C VAL C 150 32.58 27.07 9.43
N HIS C 151 33.39 26.11 8.98
CA HIS C 151 34.34 25.44 9.88
C HIS C 151 35.50 26.36 10.32
N ARG C 152 36.11 27.00 9.32
CA ARG C 152 37.23 27.94 9.53
C ARG C 152 38.60 27.27 9.78
N ASP C 153 38.65 25.98 10.08
CA ASP C 153 39.93 25.30 10.34
C ASP C 153 39.92 23.85 9.79
N LEU C 154 39.39 23.67 8.58
CA LEU C 154 39.46 22.39 7.93
C LEU C 154 40.92 22.04 7.55
N ALA C 155 41.36 20.83 7.91
CA ALA C 155 42.74 20.37 7.74
C ALA C 155 42.77 18.90 8.15
N ALA C 156 43.75 18.13 7.67
CA ALA C 156 43.83 16.71 8.04
C ALA C 156 43.91 16.49 9.56
N ARG C 157 44.60 17.38 10.28
CA ARG C 157 44.68 17.28 11.74
C ARG C 157 43.31 17.40 12.45
N ASN C 158 42.35 17.98 11.74
CA ASN C 158 41.00 18.20 12.27
C ASN C 158 39.94 17.27 11.64
N CYS C 159 40.41 16.18 11.06
CA CYS C 159 39.59 15.04 10.65
C CYS C 159 40.05 13.85 11.49
N MET C 160 39.14 12.93 11.80
CA MET C 160 39.48 11.78 12.62
C MET C 160 39.13 10.48 11.89
N VAL C 161 39.79 9.39 12.31
CA VAL C 161 39.67 8.07 11.66
C VAL C 161 39.10 7.03 12.63
N ALA C 162 38.04 6.35 12.18
CA ALA C 162 37.37 5.34 13.01
C ALA C 162 38.02 3.96 12.90
N GLU C 163 37.58 3.05 13.74
CA GLU C 163 38.10 1.69 13.75
C GLU C 163 38.01 1.07 12.35
N ASP C 164 36.92 1.34 11.64
CA ASP C 164 36.70 0.81 10.28
C ASP C 164 37.22 1.71 9.14
N PHE C 165 38.01 2.73 9.51
CA PHE C 165 38.68 3.66 8.60
C PHE C 165 37.79 4.78 8.05
N THR C 166 36.52 4.81 8.46
CA THR C 166 35.67 5.95 8.12
C THR C 166 36.30 7.25 8.66
N VAL C 167 36.40 8.26 7.79
CA VAL C 167 36.90 9.59 8.18
C VAL C 167 35.71 10.50 8.50
N LYS C 168 35.84 11.26 9.60
CA LYS C 168 34.81 12.20 10.03
C LYS C 168 35.43 13.56 10.39
N ILE C 169 34.64 14.62 10.24
CA ILE C 169 35.09 15.93 10.70
C ILE C 169 35.07 15.98 12.23
N GLY C 170 36.20 16.32 12.84
CA GLY C 170 36.21 16.42 14.28
C GLY C 170 37.57 16.62 14.90
N ASP C 171 37.59 17.26 16.07
CA ASP C 171 38.85 17.52 16.75
C ASP C 171 38.60 17.97 18.19
N PHE C 172 39.67 17.94 18.99
CA PHE C 172 39.62 18.39 20.40
C PHE C 172 40.36 19.73 20.64
N GLY C 173 40.65 20.45 19.56
CA GLY C 173 41.48 21.67 19.61
C GLY C 173 42.96 21.33 19.43
N MET C 174 43.52 21.68 18.27
CA MET C 174 44.89 21.26 17.86
C MET C 174 45.99 22.34 18.05
N THR C 175 45.65 23.45 18.71
CA THR C 175 46.55 24.61 18.72
C THR C 175 47.65 24.49 19.77
N ARG C 176 47.54 23.51 20.66
CA ARG C 176 48.43 23.42 21.83
C ARG C 176 49.30 22.16 21.92
N ASP C 177 49.22 21.26 20.94
CA ASP C 177 50.08 20.06 20.98
C ASP C 177 51.02 20.01 19.78
N ILE C 178 51.31 18.82 19.24
CA ILE C 178 52.43 18.71 18.30
C ILE C 178 52.21 19.34 16.95
N TYR C 179 50.96 19.68 16.60
CA TYR C 179 50.69 20.46 15.38
C TYR C 179 50.46 21.95 15.63
N GLU C 180 50.90 22.43 16.81
CA GLU C 180 50.87 23.87 17.12
C GLU C 180 51.55 24.74 16.04
N THR C 181 52.59 24.22 15.38
CA THR C 181 53.30 24.98 14.33
C THR C 181 52.52 25.12 13.04
N ASP C 182 51.34 24.48 12.96
CA ASP C 182 50.39 24.71 11.86
C ASP C 182 49.61 26.04 12.01
N TYR C 183 49.87 26.79 13.07
CA TYR C 183 49.19 28.09 13.31
C TYR C 183 50.21 29.22 13.44
N TYR C 184 49.76 30.41 13.06
CA TYR C 184 50.57 31.63 13.05
C TYR C 184 49.79 32.72 13.79
N ARG C 185 50.39 33.36 14.79
CA ARG C 185 49.74 34.48 15.46
C ARG C 185 50.54 35.74 15.16
N LYS C 186 50.10 36.50 14.17
CA LYS C 186 50.76 37.74 13.76
C LYS C 186 50.62 38.84 14.82
N GLY C 190 44.74 36.47 17.12
CA GLY C 190 44.33 35.08 17.14
C GLY C 190 45.21 34.18 16.28
N LEU C 191 45.17 32.88 16.56
CA LEU C 191 45.97 31.91 15.82
C LEU C 191 45.31 31.60 14.49
N LEU C 192 46.09 31.66 13.41
CA LEU C 192 45.56 31.45 12.05
C LEU C 192 46.28 30.27 11.37
N PRO C 193 45.54 29.34 10.79
CA PRO C 193 46.11 28.21 10.08
C PRO C 193 46.52 28.63 8.66
N VAL C 194 47.55 29.47 8.56
CA VAL C 194 47.85 30.18 7.30
C VAL C 194 48.09 29.30 6.07
N ARG C 195 48.70 28.13 6.26
CA ARG C 195 48.98 27.21 5.13
C ARG C 195 47.73 26.52 4.58
N TRP C 196 46.60 26.68 5.28
CA TRP C 196 45.30 26.15 4.87
C TRP C 196 44.30 27.22 4.41
N MET C 197 44.67 28.50 4.48
CA MET C 197 43.73 29.62 4.25
C MET C 197 43.67 30.14 2.81
N SER C 198 42.47 30.55 2.40
CA SER C 198 42.26 31.13 1.09
C SER C 198 42.93 32.51 0.97
N PRO C 199 43.25 32.94 -0.27
CA PRO C 199 43.83 34.27 -0.50
C PRO C 199 42.98 35.40 0.12
N GLU C 200 41.65 35.31 -0.02
CA GLU C 200 40.78 36.37 0.48
C GLU C 200 40.71 36.38 2.04
N SER C 201 40.76 35.21 2.66
CA SER C 201 40.84 35.12 4.14
C SER C 201 42.15 35.66 4.66
N LEU C 202 43.26 35.37 3.96
CA LEU C 202 44.55 35.94 4.30
C LEU C 202 44.55 37.47 4.25
N LYS C 203 43.78 38.01 3.30
CA LYS C 203 43.71 39.46 3.10
C LYS C 203 42.83 40.18 4.11
N ASP C 204 41.61 39.68 4.36
CA ASP C 204 40.65 40.40 5.20
C ASP C 204 40.12 39.66 6.43
N GLY C 205 40.57 38.43 6.63
CA GLY C 205 40.29 37.67 7.85
C GLY C 205 38.89 37.09 7.99
N VAL C 206 38.10 37.17 6.92
CA VAL C 206 36.76 36.60 6.92
C VAL C 206 36.78 35.19 6.33
N PHE C 207 35.95 34.30 6.90
CA PHE C 207 35.84 32.92 6.46
C PHE C 207 34.42 32.67 5.95
N THR C 208 34.33 31.84 4.91
CA THR C 208 33.09 31.53 4.20
C THR C 208 33.05 30.06 3.80
N THR C 209 31.92 29.60 3.28
CA THR C 209 31.89 28.25 2.71
C THR C 209 32.91 28.14 1.60
N TYR C 210 33.09 29.20 0.82
CA TYR C 210 34.10 29.21 -0.26
C TYR C 210 35.53 28.98 0.26
N SER C 211 35.89 29.55 1.40
CA SER C 211 37.21 29.33 1.96
C SER C 211 37.35 27.96 2.63
N ASP C 212 36.25 27.37 3.14
CA ASP C 212 36.29 25.95 3.57
C ASP C 212 36.66 25.05 2.39
N VAL C 213 36.11 25.33 1.20
CA VAL C 213 36.43 24.54 -0.01
C VAL C 213 37.92 24.67 -0.37
N TRP C 214 38.49 25.88 -0.28
CA TRP C 214 39.95 26.06 -0.47
C TRP C 214 40.71 25.08 0.43
N SER C 215 40.39 25.12 1.72
CA SER C 215 41.02 24.26 2.74
C SER C 215 40.89 22.76 2.41
N PHE C 216 39.74 22.36 1.92
CA PHE C 216 39.52 21.00 1.45
C PHE C 216 40.51 20.59 0.34
N GLY C 217 40.78 21.49 -0.59
CA GLY C 217 41.82 21.22 -1.59
C GLY C 217 43.18 20.94 -0.93
N VAL C 218 43.56 21.73 0.07
CA VAL C 218 44.78 21.46 0.84
C VAL C 218 44.74 20.09 1.55
N VAL C 219 43.57 19.70 2.09
CA VAL C 219 43.41 18.37 2.70
C VAL C 219 43.67 17.25 1.68
N LEU C 220 43.16 17.39 0.46
CA LEU C 220 43.46 16.42 -0.63
C LEU C 220 44.95 16.28 -0.87
N TRP C 221 45.63 17.43 -0.89
CA TRP C 221 47.08 17.48 -1.07
C TRP C 221 47.80 16.77 0.10
N GLU C 222 47.34 16.98 1.33
CA GLU C 222 47.85 16.23 2.48
C GLU C 222 47.69 14.72 2.30
N ILE C 223 46.49 14.29 1.92
CA ILE C 223 46.27 12.84 1.68
C ILE C 223 47.28 12.29 0.64
N ALA C 224 47.47 13.02 -0.47
CA ALA C 224 48.29 12.61 -1.59
C ALA C 224 49.81 12.65 -1.30
N THR C 225 50.21 13.40 -0.27
CA THR C 225 51.61 13.50 0.16
C THR C 225 51.93 12.80 1.51
N LEU C 226 50.96 12.06 2.07
CA LEU C 226 51.05 11.52 3.43
C LEU C 226 51.41 12.63 4.45
N ALA C 227 50.69 13.73 4.33
CA ALA C 227 50.72 14.86 5.26
C ALA C 227 52.10 15.51 5.38
N GLU C 228 52.72 15.83 4.24
CA GLU C 228 53.79 16.84 4.22
C GLU C 228 53.26 18.20 4.72
N GLN C 229 54.15 19.06 5.21
CA GLN C 229 53.81 20.46 5.51
C GLN C 229 53.56 21.20 4.17
N PRO C 230 52.35 21.79 3.96
CA PRO C 230 52.18 22.56 2.73
C PRO C 230 53.18 23.73 2.67
N TYR C 231 53.75 23.98 1.49
CA TYR C 231 54.68 25.10 1.27
C TYR C 231 55.94 24.93 2.14
N GLN C 232 56.38 23.67 2.29
CA GLN C 232 57.60 23.40 3.05
C GLN C 232 58.71 24.26 2.49
N GLY C 233 59.45 24.90 3.39
CA GLY C 233 60.56 25.75 3.00
C GLY C 233 60.25 27.23 3.01
N LEU C 234 58.95 27.57 2.99
CA LEU C 234 58.48 28.94 3.16
C LEU C 234 58.07 29.23 4.61
N SER C 235 58.47 30.38 5.12
CA SER C 235 58.00 30.89 6.40
C SER C 235 56.53 31.27 6.28
N ASN C 236 55.89 31.46 7.43
CA ASN C 236 54.48 31.85 7.45
C ASN C 236 54.22 33.14 6.67
N GLU C 237 55.05 34.16 6.85
CA GLU C 237 54.88 35.40 6.07
C GLU C 237 55.10 35.19 4.56
N GLN C 238 56.04 34.33 4.20
CA GLN C 238 56.28 33.97 2.79
C GLN C 238 55.08 33.23 2.18
N VAL C 239 54.44 32.35 2.95
CA VAL C 239 53.20 31.69 2.50
C VAL C 239 52.09 32.72 2.24
N LEU C 240 51.89 33.64 3.19
CA LEU C 240 50.89 34.71 3.02
C LEU C 240 51.06 35.41 1.68
N ARG C 241 52.28 35.85 1.40
CA ARG C 241 52.57 36.57 0.14
C ARG C 241 52.37 35.69 -1.08
N PHE C 242 52.92 34.48 -1.03
CA PHE C 242 52.87 33.53 -2.14
C PHE C 242 51.44 33.25 -2.59
N VAL C 243 50.57 32.95 -1.63
CA VAL C 243 49.18 32.57 -1.88
C VAL C 243 48.35 33.79 -2.31
N MET C 244 48.56 34.94 -1.64
CA MET C 244 47.84 36.15 -2.01
C MET C 244 48.23 36.63 -3.42
N GLU C 245 49.47 36.37 -3.84
CA GLU C 245 49.91 36.70 -5.21
C GLU C 245 49.61 35.61 -6.28
N GLY C 246 48.77 34.64 -5.94
CA GLY C 246 48.26 33.65 -6.89
C GLY C 246 49.09 32.37 -7.07
N GLY C 247 50.02 32.14 -6.15
CA GLY C 247 50.84 30.91 -6.16
C GLY C 247 50.08 29.70 -5.66
N LEU C 248 50.45 28.51 -6.14
CA LEU C 248 49.81 27.26 -5.73
C LEU C 248 50.81 26.17 -5.33
N LEU C 249 50.32 25.20 -4.56
CA LEU C 249 51.05 23.97 -4.27
C LEU C 249 51.29 23.19 -5.57
N ASP C 250 52.44 22.49 -5.63
CA ASP C 250 52.80 21.67 -6.80
C ASP C 250 52.08 20.31 -6.76
N LYS C 251 51.83 19.74 -7.92
CA LYS C 251 51.28 18.39 -8.01
C LYS C 251 52.21 17.42 -7.26
N PRO C 252 51.71 16.71 -6.25
CA PRO C 252 52.53 15.69 -5.59
C PRO C 252 53.08 14.60 -6.51
N ASP C 253 54.21 14.03 -6.12
CA ASP C 253 54.79 12.91 -6.83
C ASP C 253 53.79 11.77 -6.88
N ASN C 254 53.59 11.24 -8.09
CA ASN C 254 52.70 10.11 -8.39
C ASN C 254 51.23 10.38 -8.08
N CYS C 255 50.84 11.65 -8.03
CA CYS C 255 49.45 11.98 -7.73
C CYS C 255 48.53 11.61 -8.89
N PRO C 256 47.42 10.89 -8.61
CA PRO C 256 46.42 10.64 -9.67
C PRO C 256 45.90 11.96 -10.26
N ASP C 257 45.83 12.04 -11.59
CA ASP C 257 45.46 13.30 -12.24
C ASP C 257 44.11 13.80 -11.75
N MET C 258 43.15 12.91 -11.55
CA MET C 258 41.81 13.35 -11.13
C MET C 258 41.83 14.07 -9.77
N LEU C 259 42.71 13.64 -8.87
CA LEU C 259 42.80 14.28 -7.57
C LEU C 259 43.43 15.68 -7.66
N PHE C 260 44.44 15.82 -8.50
CA PHE C 260 45.09 17.13 -8.67
C PHE C 260 44.15 18.09 -9.35
N GLU C 261 43.38 17.60 -10.33
CA GLU C 261 42.39 18.45 -10.98
C GLU C 261 41.34 18.96 -9.98
N LEU C 262 40.96 18.11 -9.03
CA LEU C 262 40.01 18.51 -7.98
C LEU C 262 40.63 19.60 -7.08
N MET C 263 41.91 19.40 -6.71
CA MET C 263 42.65 20.43 -5.98
C MET C 263 42.61 21.79 -6.69
N ARG C 264 42.92 21.78 -7.98
CA ARG C 264 42.92 22.99 -8.81
C ARG C 264 41.55 23.68 -8.84
N MET C 265 40.46 22.93 -8.86
N MET C 265 40.47 22.91 -8.87
CA MET C 265 39.13 23.55 -8.78
CA MET C 265 39.13 23.49 -8.76
C MET C 265 38.87 24.19 -7.43
C MET C 265 38.92 24.21 -7.44
N CYS C 266 39.33 23.55 -6.35
CA CYS C 266 39.20 24.14 -4.99
C CYS C 266 40.05 25.38 -4.81
N TRP C 267 41.13 25.48 -5.58
CA TRP C 267 42.09 26.59 -5.46
C TRP C 267 41.96 27.70 -6.51
N GLN C 268 40.77 27.81 -7.11
N GLN C 268 40.77 27.83 -7.10
CA GLN C 268 40.48 28.96 -7.95
CA GLN C 268 40.54 28.94 -8.01
C GLN C 268 40.73 30.19 -7.10
C GLN C 268 40.58 30.24 -7.20
N TYR C 269 41.37 31.19 -7.68
CA TYR C 269 41.62 32.45 -6.96
C TYR C 269 40.33 33.18 -6.56
N ASN C 270 39.40 33.26 -7.51
CA ASN C 270 38.07 33.85 -7.23
C ASN C 270 37.20 32.82 -6.46
N PRO C 271 36.78 33.16 -5.22
CA PRO C 271 35.96 32.25 -4.40
C PRO C 271 34.68 31.80 -5.11
N LYS C 272 34.09 32.69 -5.92
CA LYS C 272 32.85 32.40 -6.63
C LYS C 272 32.98 31.37 -7.76
N MET C 273 34.22 31.13 -8.21
N MET C 273 34.21 31.08 -8.19
CA MET C 273 34.51 30.14 -9.25
CA MET C 273 34.45 30.09 -9.24
C MET C 273 34.67 28.71 -8.70
C MET C 273 34.77 28.71 -8.71
N ARG C 274 34.92 28.57 -7.39
CA ARG C 274 35.10 27.27 -6.76
C ARG C 274 33.82 26.44 -6.75
N PRO C 275 33.95 25.10 -6.76
CA PRO C 275 32.75 24.28 -6.55
C PRO C 275 32.28 24.38 -5.11
N SER C 276 30.98 24.15 -4.88
CA SER C 276 30.49 23.86 -3.53
C SER C 276 30.89 22.43 -3.12
N PHE C 277 30.74 22.10 -1.85
CA PHE C 277 30.93 20.70 -1.41
C PHE C 277 29.97 19.75 -2.11
N LEU C 278 28.72 20.17 -2.30
CA LEU C 278 27.74 19.34 -3.03
C LEU C 278 28.21 19.05 -4.46
N GLU C 279 28.77 20.07 -5.12
CA GLU C 279 29.27 19.92 -6.49
C GLU C 279 30.51 19.03 -6.54
N ILE C 280 31.38 19.16 -5.55
CA ILE C 280 32.55 18.24 -5.41
C ILE C 280 32.09 16.76 -5.31
N ILE C 281 31.09 16.48 -4.48
CA ILE C 281 30.57 15.12 -4.31
C ILE C 281 29.94 14.63 -5.62
N SER C 282 29.21 15.51 -6.31
CA SER C 282 28.64 15.13 -7.61
C SER C 282 29.71 14.64 -8.60
N SER C 283 30.87 15.30 -8.59
CA SER C 283 31.97 14.97 -9.50
C SER C 283 32.66 13.64 -9.19
N ILE C 284 32.55 13.15 -7.96
CA ILE C 284 33.16 11.85 -7.57
C ILE C 284 32.18 10.78 -7.09
N LYS C 285 30.87 11.03 -7.15
CA LYS C 285 29.92 10.06 -6.55
C LYS C 285 29.94 8.68 -7.24
N GLU C 286 30.22 8.65 -8.55
CA GLU C 286 30.34 7.40 -9.31
C GLU C 286 31.41 6.48 -8.69
N GLU C 287 32.43 7.09 -8.08
CA GLU C 287 33.56 6.34 -7.50
C GLU C 287 33.44 6.07 -6.00
N MET C 288 32.36 6.51 -5.38
CA MET C 288 32.14 6.23 -3.96
C MET C 288 31.65 4.80 -3.75
N GLU C 289 32.14 4.17 -2.69
CA GLU C 289 31.88 2.76 -2.44
C GLU C 289 30.43 2.55 -2.11
N PRO C 290 29.95 1.32 -2.31
CA PRO C 290 28.62 0.94 -1.87
C PRO C 290 28.47 1.18 -0.37
N GLY C 291 27.39 1.85 -0.02
CA GLY C 291 27.17 2.26 1.35
C GLY C 291 27.02 3.76 1.45
N PHE C 292 27.77 4.49 0.64
CA PHE C 292 27.75 5.96 0.69
C PHE C 292 26.33 6.53 0.46
N ARG C 293 25.58 5.95 -0.47
CA ARG C 293 24.20 6.36 -0.74
C ARG C 293 23.34 6.29 0.52
N GLU C 294 23.60 5.29 1.37
N GLU C 294 23.64 5.32 1.39
CA GLU C 294 22.76 5.02 2.53
CA GLU C 294 22.79 4.99 2.52
C GLU C 294 23.05 5.90 3.76
C GLU C 294 23.07 5.81 3.79
N VAL C 295 24.28 6.37 3.91
CA VAL C 295 24.65 7.15 5.10
C VAL C 295 24.96 8.63 4.82
N SER C 296 25.12 9.03 3.56
CA SER C 296 25.56 10.38 3.27
C SER C 296 24.46 11.42 3.39
N PHE C 297 24.86 12.63 3.76
CA PHE C 297 24.02 13.82 3.61
C PHE C 297 23.62 14.04 2.17
N TYR C 298 24.58 13.92 1.26
CA TYR C 298 24.33 14.14 -0.17
C TYR C 298 23.08 13.43 -0.71
N TYR C 299 22.96 12.14 -0.38
CA TYR C 299 21.83 11.33 -0.88
C TYR C 299 20.59 11.34 0.05
N SER C 300 20.67 12.06 1.16
CA SER C 300 19.60 12.03 2.18
C SER C 300 18.43 12.95 1.82
N GLU C 301 17.30 12.73 2.47
CA GLU C 301 16.13 13.60 2.33
C GLU C 301 16.38 15.03 2.83
N GLU C 302 17.35 15.20 3.73
CA GLU C 302 17.69 16.52 4.27
C GLU C 302 18.36 17.43 3.24
N ASN C 303 19.00 16.83 2.24
CA ASN C 303 19.65 17.62 1.19
C ASN C 303 18.58 18.07 0.18
N LYS C 304 17.95 19.18 0.49
CA LYS C 304 16.88 19.75 -0.35
C LYS C 304 16.77 21.26 -0.18
N ALA D 1 -65.12 -17.17 -7.49
CA ALA D 1 -64.04 -16.50 -8.29
C ALA D 1 -64.55 -15.26 -9.01
N ALA D 2 -65.65 -15.43 -9.73
CA ALA D 2 -66.32 -14.33 -10.42
C ALA D 2 -67.07 -13.42 -9.44
N ASP D 3 -67.50 -13.98 -8.31
CA ASP D 3 -68.32 -13.24 -7.35
C ASP D 3 -67.54 -12.62 -6.18
N VAL D 4 -66.37 -13.18 -5.83
CA VAL D 4 -65.69 -12.80 -4.59
C VAL D 4 -64.16 -12.74 -4.72
N TYR D 5 -63.55 -11.77 -4.05
CA TYR D 5 -62.10 -11.69 -3.89
C TYR D 5 -61.74 -11.93 -2.42
N VAL D 6 -60.83 -12.86 -2.16
CA VAL D 6 -60.44 -13.18 -0.79
C VAL D 6 -59.09 -12.53 -0.48
N PRO D 7 -59.04 -11.60 0.50
CA PRO D 7 -57.77 -10.93 0.77
C PRO D 7 -56.70 -11.87 1.34
N ASP D 8 -55.46 -11.71 0.90
CA ASP D 8 -54.43 -12.70 1.21
C ASP D 8 -53.06 -12.08 1.58
N GLU D 9 -51.96 -12.78 1.29
CA GLU D 9 -50.62 -12.28 1.57
C GLU D 9 -50.23 -11.05 0.75
N TRP D 10 -50.95 -10.77 -0.34
CA TRP D 10 -50.75 -9.55 -1.10
C TRP D 10 -51.42 -8.30 -0.52
N GLU D 11 -52.29 -8.47 0.47
CA GLU D 11 -52.97 -7.34 1.08
C GLU D 11 -51.98 -6.41 1.79
N VAL D 12 -52.07 -5.12 1.49
CA VAL D 12 -51.25 -4.09 2.11
C VAL D 12 -52.15 -3.20 2.97
N ALA D 13 -51.68 -2.85 4.17
CA ALA D 13 -52.39 -1.92 5.03
C ALA D 13 -52.47 -0.55 4.37
N ARG D 14 -53.67 0.01 4.33
CA ARG D 14 -53.88 1.20 3.53
C ARG D 14 -53.04 2.37 4.08
N GLU D 15 -52.78 2.36 5.40
CA GLU D 15 -51.90 3.34 6.04
C GLU D 15 -50.44 3.31 5.57
N LYS D 16 -50.04 2.25 4.88
CA LYS D 16 -48.67 2.15 4.36
C LYS D 16 -48.55 2.73 2.95
N ILE D 17 -49.66 3.21 2.40
CA ILE D 17 -49.73 3.75 1.05
C ILE D 17 -50.03 5.25 1.11
N THR D 18 -49.17 6.05 0.47
CA THR D 18 -49.44 7.48 0.29
C THR D 18 -49.47 7.82 -1.20
N MET D 19 -50.40 8.67 -1.59
CA MET D 19 -50.55 9.07 -3.00
C MET D 19 -50.12 10.52 -3.15
N SER D 20 -49.29 10.80 -4.16
CA SER D 20 -48.69 12.13 -4.32
C SER D 20 -49.28 12.95 -5.47
N ARG D 21 -49.61 12.31 -6.59
CA ARG D 21 -50.10 13.02 -7.78
C ARG D 21 -50.74 12.09 -8.81
N GLU D 22 -51.54 12.67 -9.70
CA GLU D 22 -52.26 11.90 -10.72
C GLU D 22 -51.34 11.47 -11.83
N LEU D 23 -51.51 10.22 -12.29
CA LEU D 23 -50.86 9.74 -13.51
C LEU D 23 -51.82 9.76 -14.70
N GLY D 24 -53.10 9.45 -14.46
CA GLY D 24 -54.13 9.50 -15.51
C GLY D 24 -55.28 8.55 -15.26
N GLN D 25 -56.36 8.76 -16.01
CA GLN D 25 -57.54 7.89 -15.92
C GLN D 25 -57.25 6.50 -16.49
N GLY D 26 -57.42 5.48 -15.66
CA GLY D 26 -57.37 4.09 -16.07
C GLY D 26 -58.78 3.61 -16.44
N SER D 27 -58.88 2.35 -16.82
CA SER D 27 -60.16 1.84 -17.31
C SER D 27 -61.17 1.67 -16.15
N PHE D 28 -60.68 1.55 -14.91
CA PHE D 28 -61.56 1.39 -13.73
C PHE D 28 -61.63 2.62 -12.80
N GLY D 29 -60.74 3.58 -12.99
CA GLY D 29 -60.68 4.79 -12.16
C GLY D 29 -59.32 5.46 -12.29
N MET D 30 -59.12 6.55 -11.54
CA MET D 30 -57.86 7.31 -11.61
C MET D 30 -56.66 6.48 -11.12
N VAL D 31 -55.52 6.73 -11.76
CA VAL D 31 -54.24 6.15 -11.35
C VAL D 31 -53.33 7.24 -10.82
N TYR D 32 -52.64 6.93 -9.70
CA TYR D 32 -51.75 7.89 -9.04
C TYR D 32 -50.32 7.37 -8.93
N GLU D 33 -49.38 8.30 -8.78
CA GLU D 33 -48.03 7.98 -8.31
C GLU D 33 -48.01 8.12 -6.79
N GLY D 34 -47.21 7.31 -6.11
CA GLY D 34 -47.11 7.39 -4.65
C GLY D 34 -45.98 6.57 -4.08
N VAL D 35 -46.08 6.27 -2.78
CA VAL D 35 -45.05 5.54 -2.06
C VAL D 35 -45.73 4.47 -1.21
N ALA D 36 -45.16 3.27 -1.20
CA ALA D 36 -45.68 2.17 -0.38
C ALA D 36 -44.56 1.62 0.49
N LYS D 37 -44.86 1.43 1.77
CA LYS D 37 -43.90 0.86 2.73
C LYS D 37 -43.97 -0.68 2.72
N GLY D 38 -42.81 -1.34 2.69
CA GLY D 38 -42.74 -2.78 2.92
C GLY D 38 -43.14 -3.70 1.78
N VAL D 39 -43.05 -3.24 0.55
CA VAL D 39 -43.48 -4.04 -0.60
C VAL D 39 -42.33 -4.65 -1.42
N VAL D 40 -41.10 -4.24 -1.14
CA VAL D 40 -39.94 -4.76 -1.87
C VAL D 40 -38.87 -5.13 -0.84
N LYS D 41 -38.28 -6.32 -1.01
CA LYS D 41 -37.21 -6.81 -0.13
C LYS D 41 -36.13 -5.74 0.02
N ASP D 42 -35.68 -5.51 1.25
CA ASP D 42 -34.58 -4.59 1.58
C ASP D 42 -34.82 -3.09 1.32
N GLU D 43 -36.03 -2.72 0.92
CA GLU D 43 -36.42 -1.31 0.75
C GLU D 43 -37.49 -0.93 1.79
N PRO D 44 -37.14 -0.03 2.73
CA PRO D 44 -38.15 0.46 3.67
C PRO D 44 -39.40 1.01 2.99
N GLU D 45 -39.18 1.76 1.91
CA GLU D 45 -40.27 2.34 1.12
C GLU D 45 -39.90 2.29 -0.36
N THR D 46 -40.93 2.23 -1.21
CA THR D 46 -40.75 2.08 -2.65
C THR D 46 -41.71 3.03 -3.40
N ARG D 47 -41.20 3.71 -4.42
CA ARG D 47 -42.05 4.49 -5.32
C ARG D 47 -42.90 3.55 -6.18
N VAL D 48 -44.20 3.82 -6.26
CA VAL D 48 -45.14 2.90 -6.91
C VAL D 48 -46.20 3.63 -7.72
N ALA D 49 -46.84 2.89 -8.61
CA ALA D 49 -48.09 3.33 -9.23
C ALA D 49 -49.25 2.71 -8.46
N ILE D 50 -50.34 3.47 -8.33
CA ILE D 50 -51.49 3.06 -7.53
C ILE D 50 -52.75 3.22 -8.39
N LYS D 51 -53.33 2.09 -8.82
CA LYS D 51 -54.58 2.14 -9.56
C LYS D 51 -55.72 2.15 -8.57
N THR D 52 -56.81 2.85 -8.89
CA THR D 52 -57.99 2.86 -8.03
C THR D 52 -59.26 2.48 -8.80
N VAL D 53 -60.26 2.01 -8.05
CA VAL D 53 -61.62 1.82 -8.57
C VAL D 53 -62.43 3.05 -8.18
N ASN D 54 -63.03 3.70 -9.17
CA ASN D 54 -63.86 4.87 -8.90
C ASN D 54 -65.02 4.52 -7.96
N GLU D 55 -65.39 5.49 -7.12
CA GLU D 55 -66.47 5.34 -6.14
C GLU D 55 -67.81 4.96 -6.77
N ALA D 56 -68.05 5.43 -7.99
CA ALA D 56 -69.29 5.13 -8.71
C ALA D 56 -69.33 3.72 -9.31
N ALA D 57 -68.22 2.98 -9.25
CA ALA D 57 -68.16 1.64 -9.85
C ALA D 57 -69.12 0.67 -9.16
N SER D 58 -69.59 -0.33 -9.92
CA SER D 58 -70.47 -1.36 -9.39
C SER D 58 -69.69 -2.40 -8.60
N MET D 59 -70.42 -3.26 -7.88
CA MET D 59 -69.83 -4.40 -7.18
C MET D 59 -69.06 -5.30 -8.16
N ARG D 60 -69.70 -5.60 -9.28
CA ARG D 60 -69.12 -6.48 -10.30
C ARG D 60 -67.84 -5.92 -10.92
N GLU D 61 -67.78 -4.60 -11.09
CA GLU D 61 -66.59 -3.95 -11.68
C GLU D 61 -65.41 -4.02 -10.70
N ARG D 62 -65.69 -3.90 -9.41
CA ARG D 62 -64.64 -4.05 -8.39
C ARG D 62 -63.98 -5.43 -8.47
N ILE D 63 -64.79 -6.47 -8.71
CA ILE D 63 -64.27 -7.84 -8.77
C ILE D 63 -63.45 -8.04 -10.04
N GLU D 64 -63.93 -7.50 -11.16
CA GLU D 64 -63.18 -7.54 -12.43
C GLU D 64 -61.78 -6.92 -12.25
N PHE D 65 -61.75 -5.74 -11.63
CA PHE D 65 -60.52 -5.03 -11.29
C PHE D 65 -59.61 -5.93 -10.42
N LEU D 66 -60.19 -6.55 -9.40
CA LEU D 66 -59.40 -7.41 -8.50
C LEU D 66 -58.93 -8.71 -9.16
N ASN D 67 -59.77 -9.32 -10.00
CA ASN D 67 -59.37 -10.53 -10.72
C ASN D 67 -58.23 -10.26 -11.71
N GLU D 68 -58.15 -9.05 -12.25
CA GLU D 68 -57.03 -8.67 -13.12
C GLU D 68 -55.72 -8.65 -12.34
N ALA D 69 -55.77 -8.20 -11.10
CA ALA D 69 -54.62 -8.29 -10.19
C ALA D 69 -54.31 -9.74 -9.85
N SER D 70 -55.34 -10.52 -9.55
CA SER D 70 -55.17 -11.92 -9.15
C SER D 70 -54.38 -12.71 -10.19
N VAL D 71 -54.71 -12.51 -11.45
CA VAL D 71 -54.01 -13.24 -12.53
C VAL D 71 -52.50 -12.92 -12.58
N MET D 72 -52.11 -11.73 -12.16
CA MET D 72 -50.69 -11.35 -12.22
C MET D 72 -49.87 -11.75 -10.99
N LYS D 73 -50.52 -12.28 -9.95
CA LYS D 73 -49.82 -12.70 -8.73
C LYS D 73 -48.78 -13.77 -9.02
N GLU D 74 -49.06 -14.57 -10.05
CA GLU D 74 -48.23 -15.67 -10.52
C GLU D 74 -46.91 -15.24 -11.19
N PHE D 75 -46.85 -14.02 -11.72
CA PHE D 75 -45.79 -13.65 -12.65
C PHE D 75 -44.60 -12.93 -12.00
N ASN D 76 -43.42 -13.25 -12.49
CA ASN D 76 -42.20 -12.60 -12.04
C ASN D 76 -41.17 -12.65 -13.17
N CYS D 77 -41.23 -11.63 -14.02
CA CYS D 77 -40.36 -11.49 -15.19
C CYS D 77 -39.84 -10.07 -15.26
N HIS D 78 -38.57 -9.92 -15.57
CA HIS D 78 -37.95 -8.60 -15.71
C HIS D 78 -38.63 -7.72 -16.76
N HIS D 79 -39.19 -8.35 -17.80
CA HIS D 79 -39.77 -7.61 -18.91
C HIS D 79 -41.31 -7.49 -18.86
N VAL D 80 -41.87 -7.77 -17.68
CA VAL D 80 -43.28 -7.56 -17.39
C VAL D 80 -43.42 -6.74 -16.10
N VAL D 81 -44.23 -5.67 -16.15
CA VAL D 81 -44.45 -4.82 -14.96
C VAL D 81 -45.00 -5.67 -13.80
N ARG D 82 -44.39 -5.54 -12.62
CA ARG D 82 -44.71 -6.37 -11.47
C ARG D 82 -45.89 -5.87 -10.64
N LEU D 83 -46.76 -6.78 -10.22
CA LEU D 83 -47.71 -6.52 -9.13
C LEU D 83 -46.95 -6.45 -7.81
N LEU D 84 -47.27 -5.45 -6.99
CA LEU D 84 -46.66 -5.32 -5.66
C LEU D 84 -47.60 -5.44 -4.47
N GLY D 85 -48.90 -5.23 -4.67
CA GLY D 85 -49.86 -5.34 -3.56
C GLY D 85 -51.27 -4.98 -3.92
N VAL D 86 -52.16 -5.18 -2.96
CA VAL D 86 -53.61 -5.00 -3.16
C VAL D 86 -54.22 -4.44 -1.86
N VAL D 87 -55.18 -3.54 -1.99
CA VAL D 87 -56.01 -3.11 -0.87
C VAL D 87 -57.46 -3.34 -1.26
N SER D 88 -58.06 -4.39 -0.70
CA SER D 88 -59.41 -4.82 -1.01
C SER D 88 -60.41 -4.61 0.15
N GLN D 89 -59.94 -4.05 1.26
CA GLN D 89 -60.77 -3.77 2.44
C GLN D 89 -61.10 -2.30 2.51
N GLY D 90 -62.40 -2.00 2.60
CA GLY D 90 -62.87 -0.63 2.58
C GLY D 90 -62.70 0.03 1.22
N GLN D 91 -62.82 1.36 1.19
CA GLN D 91 -62.76 2.13 -0.04
C GLN D 91 -61.70 3.22 0.07
N PRO D 92 -61.09 3.59 -1.07
CA PRO D 92 -61.24 3.00 -2.39
C PRO D 92 -60.47 1.70 -2.54
N THR D 93 -60.87 0.86 -3.50
CA THR D 93 -60.13 -0.34 -3.83
C THR D 93 -58.85 0.09 -4.57
N LEU D 94 -57.70 -0.44 -4.14
CA LEU D 94 -56.39 -0.12 -4.76
C LEU D 94 -55.62 -1.37 -5.21
N VAL D 95 -54.85 -1.19 -6.27
CA VAL D 95 -53.84 -2.16 -6.70
C VAL D 95 -52.52 -1.40 -6.86
N ILE D 96 -51.44 -1.97 -6.30
CA ILE D 96 -50.13 -1.33 -6.27
C ILE D 96 -49.21 -2.03 -7.27
N MET D 97 -48.57 -1.25 -8.14
CA MET D 97 -47.73 -1.79 -9.23
C MET D 97 -46.36 -1.13 -9.27
N GLU D 98 -45.39 -1.84 -9.85
CA GLU D 98 -44.07 -1.31 -10.17
C GLU D 98 -44.20 -0.02 -11.01
N LEU D 99 -43.48 1.04 -10.63
CA LEU D 99 -43.59 2.36 -11.29
C LEU D 99 -42.62 2.45 -12.45
N MET D 100 -43.15 2.87 -13.60
CA MET D 100 -42.38 2.98 -14.85
C MET D 100 -42.33 4.50 -15.15
N THR D 101 -41.22 5.13 -14.77
CA THR D 101 -41.19 6.59 -14.66
C THR D 101 -41.32 7.39 -15.96
N ARG D 102 -41.05 6.77 -17.11
CA ARG D 102 -41.15 7.46 -18.39
C ARG D 102 -42.46 7.19 -19.11
N GLY D 103 -43.35 6.45 -18.46
CA GLY D 103 -44.70 6.25 -18.99
C GLY D 103 -44.89 5.25 -20.11
N ASP D 104 -46.03 5.36 -20.78
CA ASP D 104 -46.34 4.42 -21.87
C ASP D 104 -45.52 4.69 -23.14
N LEU D 105 -45.27 3.63 -23.90
CA LEU D 105 -44.37 3.71 -25.06
C LEU D 105 -44.96 4.53 -26.21
N LYS D 106 -46.27 4.47 -26.42
CA LYS D 106 -46.89 5.32 -27.46
C LYS D 106 -46.66 6.81 -27.21
N SER D 107 -46.91 7.25 -25.98
CA SER D 107 -46.71 8.65 -25.60
C SER D 107 -45.23 9.00 -25.71
N TYR D 108 -44.37 8.08 -25.29
CA TYR D 108 -42.94 8.36 -25.31
C TYR D 108 -42.47 8.57 -26.76
N LEU D 109 -42.85 7.65 -27.64
CA LEU D 109 -42.45 7.76 -29.04
C LEU D 109 -42.97 9.07 -29.67
N ARG D 110 -44.23 9.42 -29.39
CA ARG D 110 -44.79 10.67 -29.93
C ARG D 110 -44.05 11.92 -29.45
N SER D 111 -43.59 11.90 -28.21
CA SER D 111 -42.82 13.01 -27.63
C SER D 111 -41.49 13.31 -28.35
N LEU D 112 -40.94 12.30 -29.02
CA LEU D 112 -39.68 12.41 -29.76
C LEU D 112 -39.86 13.07 -31.12
N ARG D 113 -41.09 13.33 -31.52
CA ARG D 113 -41.34 13.96 -32.80
C ARG D 113 -41.05 15.45 -32.70
N PRO D 114 -40.58 16.04 -33.80
CA PRO D 114 -40.37 17.48 -33.86
C PRO D 114 -41.69 18.25 -34.06
N PRO D 124 -34.49 10.53 -32.85
CA PRO D 124 -34.69 9.54 -33.90
C PRO D 124 -33.94 8.25 -33.50
N PRO D 125 -34.65 7.33 -32.81
CA PRO D 125 -34.02 6.14 -32.21
C PRO D 125 -33.20 5.35 -33.23
N SER D 126 -31.93 5.07 -32.90
CA SER D 126 -31.07 4.21 -33.70
C SER D 126 -31.63 2.80 -33.89
N LEU D 127 -31.15 2.08 -34.91
CA LEU D 127 -31.49 0.68 -35.06
C LEU D 127 -31.16 -0.13 -33.80
N SER D 128 -30.01 0.10 -33.20
CA SER D 128 -29.66 -0.66 -31.97
C SER D 128 -30.70 -0.44 -30.87
N LYS D 129 -31.11 0.81 -30.68
CA LYS D 129 -32.19 1.12 -29.72
C LYS D 129 -33.52 0.39 -30.04
N MET D 130 -33.95 0.47 -31.30
N MET D 130 -33.94 0.46 -31.30
CA MET D 130 -35.17 -0.20 -31.74
CA MET D 130 -35.17 -0.18 -31.73
C MET D 130 -35.12 -1.70 -31.51
C MET D 130 -35.13 -1.70 -31.55
N ILE D 131 -33.98 -2.32 -31.83
CA ILE D 131 -33.79 -3.77 -31.57
C ILE D 131 -33.90 -4.11 -30.06
N GLN D 132 -33.26 -3.32 -29.20
CA GLN D 132 -33.36 -3.56 -27.75
C GLN D 132 -34.83 -3.58 -27.30
N MET D 133 -35.58 -2.58 -27.76
CA MET D 133 -36.99 -2.52 -27.38
C MET D 133 -37.79 -3.72 -27.92
N ALA D 134 -37.55 -4.07 -29.18
CA ALA D 134 -38.18 -5.24 -29.81
C ALA D 134 -37.91 -6.51 -28.99
N GLY D 135 -36.65 -6.75 -28.62
CA GLY D 135 -36.27 -7.94 -27.87
C GLY D 135 -36.85 -8.00 -26.45
N GLU D 136 -36.86 -6.88 -25.76
CA GLU D 136 -37.49 -6.76 -24.43
C GLU D 136 -38.98 -7.09 -24.47
N ILE D 137 -39.67 -6.50 -25.45
CA ILE D 137 -41.11 -6.76 -25.62
C ILE D 137 -41.36 -8.22 -25.98
N ALA D 138 -40.60 -8.75 -26.94
CA ALA D 138 -40.74 -10.14 -27.33
C ALA D 138 -40.48 -11.10 -26.17
N ASP D 139 -39.51 -10.77 -25.32
CA ASP D 139 -39.14 -11.63 -24.20
C ASP D 139 -40.25 -11.66 -23.15
N GLY D 140 -40.81 -10.50 -22.82
CA GLY D 140 -41.91 -10.48 -21.87
C GLY D 140 -43.10 -11.27 -22.42
N MET D 141 -43.38 -11.09 -23.71
CA MET D 141 -44.47 -11.84 -24.36
C MET D 141 -44.20 -13.35 -24.41
N ALA D 142 -42.95 -13.75 -24.68
CA ALA D 142 -42.59 -15.17 -24.65
C ALA D 142 -42.84 -15.78 -23.24
N TYR D 143 -42.46 -15.05 -22.21
CA TYR D 143 -42.72 -15.44 -20.83
C TYR D 143 -44.23 -15.64 -20.57
N LEU D 144 -45.03 -14.64 -20.94
CA LEU D 144 -46.48 -14.72 -20.71
C LEU D 144 -47.09 -15.91 -21.46
N ASN D 145 -46.76 -16.02 -22.73
CA ASN D 145 -47.30 -17.09 -23.58
C ASN D 145 -46.89 -18.47 -23.02
N ALA D 146 -45.66 -18.58 -22.49
CA ALA D 146 -45.16 -19.83 -21.93
C ALA D 146 -45.96 -20.26 -20.70
N ASN D 147 -46.46 -19.26 -19.98
CA ASN D 147 -47.30 -19.45 -18.81
C ASN D 147 -48.80 -19.41 -19.13
N LYS D 148 -49.13 -19.73 -20.38
CA LYS D 148 -50.51 -19.87 -20.89
C LYS D 148 -51.34 -18.59 -20.80
N PHE D 149 -50.68 -17.45 -20.94
CA PHE D 149 -51.33 -16.15 -20.90
C PHE D 149 -51.28 -15.57 -22.31
N VAL D 150 -52.45 -15.43 -22.94
CA VAL D 150 -52.57 -14.69 -24.21
C VAL D 150 -52.99 -13.25 -23.88
N HIS D 151 -52.25 -12.27 -24.38
CA HIS D 151 -52.44 -10.86 -23.97
C HIS D 151 -53.74 -10.25 -24.53
N ARG D 152 -53.93 -10.42 -25.82
CA ARG D 152 -55.12 -9.91 -26.55
C ARG D 152 -55.13 -8.41 -26.86
N ASP D 153 -54.21 -7.63 -26.28
CA ASP D 153 -54.17 -6.17 -26.56
C ASP D 153 -52.73 -5.64 -26.52
N LEU D 154 -51.81 -6.39 -27.13
CA LEU D 154 -50.45 -5.90 -27.32
C LEU D 154 -50.41 -4.72 -28.30
N ALA D 155 -49.76 -3.63 -27.88
CA ALA D 155 -49.68 -2.36 -28.62
C ALA D 155 -48.70 -1.49 -27.89
N ALA D 156 -48.12 -0.50 -28.56
CA ALA D 156 -47.17 0.41 -27.87
C ALA D 156 -47.79 1.12 -26.66
N ARG D 157 -49.09 1.47 -26.71
CA ARG D 157 -49.75 2.11 -25.56
C ARG D 157 -49.82 1.21 -24.30
N ASN D 158 -49.62 -0.10 -24.51
CA ASN D 158 -49.66 -1.11 -23.44
C ASN D 158 -48.28 -1.72 -23.11
N CYS D 159 -47.26 -0.97 -23.48
CA CYS D 159 -45.87 -1.21 -23.05
C CYS D 159 -45.45 0.05 -22.29
N MET D 160 -44.60 -0.11 -21.28
CA MET D 160 -44.18 1.02 -20.47
C MET D 160 -42.65 1.14 -20.47
N VAL D 161 -42.18 2.34 -20.17
CA VAL D 161 -40.75 2.69 -20.23
C VAL D 161 -40.20 3.08 -18.87
N ALA D 162 -39.13 2.40 -18.45
CA ALA D 162 -38.52 2.65 -17.15
C ALA D 162 -37.54 3.82 -17.17
N GLU D 163 -37.08 4.21 -16.01
CA GLU D 163 -36.12 5.32 -15.89
C GLU D 163 -34.88 5.07 -16.76
N ASP D 164 -34.42 3.82 -16.82
CA ASP D 164 -33.23 3.48 -17.64
C ASP D 164 -33.56 3.08 -19.08
N PHE D 165 -34.80 3.34 -19.49
CA PHE D 165 -35.32 3.06 -20.83
C PHE D 165 -35.69 1.59 -21.12
N THR D 166 -35.58 0.72 -20.12
CA THR D 166 -36.09 -0.65 -20.29
C THR D 166 -37.59 -0.61 -20.60
N VAL D 167 -38.00 -1.32 -21.66
CA VAL D 167 -39.41 -1.50 -22.00
C VAL D 167 -39.97 -2.80 -21.39
N LYS D 168 -41.17 -2.69 -20.81
CA LYS D 168 -41.85 -3.84 -20.20
C LYS D 168 -43.32 -3.87 -20.63
N ILE D 169 -43.88 -5.07 -20.65
CA ILE D 169 -45.31 -5.24 -20.91
C ILE D 169 -46.11 -4.77 -19.71
N GLY D 170 -47.05 -3.86 -19.94
CA GLY D 170 -47.85 -3.40 -18.81
C GLY D 170 -48.69 -2.19 -19.09
N ASP D 171 -49.80 -2.08 -18.35
CA ASP D 171 -50.72 -0.97 -18.57
C ASP D 171 -51.75 -0.89 -17.44
N PHE D 172 -52.47 0.25 -17.37
CA PHE D 172 -53.49 0.51 -16.34
C PHE D 172 -54.93 0.49 -16.92
N GLY D 173 -55.09 -0.01 -18.14
CA GLY D 173 -56.35 0.08 -18.90
C GLY D 173 -56.39 1.36 -19.74
N MET D 174 -56.31 1.21 -21.07
CA MET D 174 -56.14 2.35 -22.00
C MET D 174 -57.42 2.75 -22.78
N THR D 175 -58.57 2.18 -22.38
CA THR D 175 -59.79 2.33 -23.18
C THR D 175 -60.54 3.61 -22.90
N ARG D 176 -60.12 4.34 -21.87
CA ARG D 176 -60.89 5.49 -21.36
C ARG D 176 -60.15 6.84 -21.34
N ASP D 177 -58.93 6.89 -21.86
CA ASP D 177 -58.20 8.16 -21.92
C ASP D 177 -57.85 8.53 -23.35
N ILE D 178 -56.70 9.14 -23.58
CA ILE D 178 -56.43 9.78 -24.86
C ILE D 178 -56.22 8.82 -26.03
N TYR D 179 -55.98 7.54 -25.75
CA TYR D 179 -55.91 6.53 -26.83
C TYR D 179 -57.20 5.70 -26.95
N GLU D 180 -58.29 6.21 -26.37
CA GLU D 180 -59.60 5.57 -26.52
C GLU D 180 -59.98 5.30 -27.98
N THR D 181 -59.54 6.16 -28.92
CA THR D 181 -59.86 5.96 -30.35
C THR D 181 -59.06 4.83 -31.03
N ASP D 182 -58.14 4.19 -30.29
CA ASP D 182 -57.51 2.94 -30.72
C ASP D 182 -58.45 1.70 -30.58
N TYR D 183 -59.67 1.89 -30.06
CA TYR D 183 -60.65 0.81 -29.90
C TYR D 183 -61.95 1.10 -30.66
N TYR D 184 -62.59 0.02 -31.10
CA TYR D 184 -63.81 0.05 -31.92
C TYR D 184 -64.81 -0.88 -31.25
N ARG D 185 -66.01 -0.38 -30.98
CA ARG D 185 -67.06 -1.20 -30.41
C ARG D 185 -68.19 -1.31 -31.40
N LYS D 186 -68.14 -2.35 -32.23
CA LYS D 186 -69.28 -2.74 -33.05
C LYS D 186 -70.07 -3.78 -32.26
N GLY D 190 -67.85 -5.95 -27.12
CA GLY D 190 -66.85 -5.19 -26.36
C GLY D 190 -65.95 -4.35 -27.25
N LEU D 191 -65.01 -3.64 -26.62
CA LEU D 191 -64.07 -2.79 -27.33
C LEU D 191 -62.96 -3.63 -27.95
N LEU D 192 -62.70 -3.41 -29.25
CA LEU D 192 -61.70 -4.19 -29.98
C LEU D 192 -60.61 -3.28 -30.55
N PRO D 193 -59.34 -3.63 -30.32
CA PRO D 193 -58.25 -2.85 -30.86
C PRO D 193 -57.97 -3.19 -32.34
N VAL D 194 -58.91 -2.83 -33.22
CA VAL D 194 -58.94 -3.39 -34.58
C VAL D 194 -57.68 -3.17 -35.43
N ARG D 195 -57.01 -2.04 -35.26
CA ARG D 195 -55.79 -1.74 -36.03
C ARG D 195 -54.57 -2.58 -35.58
N TRP D 196 -54.72 -3.32 -34.49
CA TRP D 196 -53.68 -4.21 -33.97
C TRP D 196 -54.04 -5.69 -34.14
N MET D 197 -55.23 -5.99 -34.66
CA MET D 197 -55.76 -7.38 -34.67
C MET D 197 -55.43 -8.20 -35.95
N SER D 198 -55.22 -9.50 -35.77
CA SER D 198 -54.94 -10.42 -36.87
C SER D 198 -56.20 -10.62 -37.70
N PRO D 199 -56.02 -11.01 -38.98
CA PRO D 199 -57.19 -11.28 -39.85
C PRO D 199 -58.17 -12.31 -39.26
N GLU D 200 -57.64 -13.37 -38.64
CA GLU D 200 -58.50 -14.42 -38.11
C GLU D 200 -59.25 -13.96 -36.84
N SER D 201 -58.63 -13.08 -36.04
CA SER D 201 -59.31 -12.49 -34.86
C SER D 201 -60.42 -11.53 -35.28
N LEU D 202 -60.16 -10.75 -36.34
CA LEU D 202 -61.17 -9.88 -36.93
C LEU D 202 -62.37 -10.67 -37.42
N LYS D 203 -62.12 -11.88 -37.94
CA LYS D 203 -63.19 -12.74 -38.46
C LYS D 203 -64.00 -13.43 -37.38
N ASP D 204 -63.36 -14.02 -36.37
CA ASP D 204 -64.10 -14.86 -35.39
C ASP D 204 -63.93 -14.47 -33.92
N GLY D 205 -63.19 -13.41 -33.65
CA GLY D 205 -63.09 -12.86 -32.30
C GLY D 205 -62.29 -13.69 -31.30
N VAL D 206 -61.56 -14.69 -31.79
CA VAL D 206 -60.71 -15.50 -30.92
C VAL D 206 -59.27 -15.00 -30.97
N PHE D 207 -58.61 -14.98 -29.81
CA PHE D 207 -57.22 -14.53 -29.68
C PHE D 207 -56.35 -15.72 -29.28
N THR D 208 -55.13 -15.76 -29.81
CA THR D 208 -54.17 -16.85 -29.62
C THR D 208 -52.76 -16.29 -29.48
N THR D 209 -51.78 -17.15 -29.17
CA THR D 209 -50.40 -16.69 -29.22
C THR D 209 -50.04 -16.19 -30.62
N TYR D 210 -50.57 -16.85 -31.66
CA TYR D 210 -50.32 -16.41 -33.04
C TYR D 210 -50.82 -14.99 -33.30
N SER D 211 -51.96 -14.61 -32.72
CA SER D 211 -52.47 -13.27 -32.92
C SER D 211 -51.71 -12.23 -32.07
N ASP D 212 -51.17 -12.62 -30.91
CA ASP D 212 -50.24 -11.75 -30.17
C ASP D 212 -49.03 -11.42 -31.04
N VAL D 213 -48.54 -12.41 -31.79
CA VAL D 213 -47.37 -12.16 -32.69
C VAL D 213 -47.73 -11.15 -33.80
N TRP D 214 -48.92 -11.29 -34.39
CA TRP D 214 -49.42 -10.27 -35.35
C TRP D 214 -49.30 -8.87 -34.77
N SER D 215 -49.88 -8.69 -33.57
CA SER D 215 -49.85 -7.41 -32.86
C SER D 215 -48.42 -6.89 -32.62
N PHE D 216 -47.50 -7.80 -32.29
CA PHE D 216 -46.10 -7.45 -32.13
C PHE D 216 -45.52 -6.80 -33.40
N GLY D 217 -45.87 -7.33 -34.57
CA GLY D 217 -45.44 -6.72 -35.83
C GLY D 217 -45.95 -5.27 -35.96
N VAL D 218 -47.18 -5.04 -35.53
CA VAL D 218 -47.71 -3.67 -35.49
C VAL D 218 -46.92 -2.78 -34.51
N VAL D 219 -46.56 -3.32 -33.34
CA VAL D 219 -45.75 -2.56 -32.36
C VAL D 219 -44.39 -2.16 -33.00
N LEU D 220 -43.75 -3.07 -33.72
CA LEU D 220 -42.51 -2.72 -34.48
C LEU D 220 -42.73 -1.55 -35.44
N TRP D 221 -43.85 -1.57 -36.17
CA TRP D 221 -44.21 -0.51 -37.08
C TRP D 221 -44.42 0.83 -36.33
N GLU D 222 -45.07 0.79 -35.16
CA GLU D 222 -45.19 1.96 -34.31
C GLU D 222 -43.81 2.52 -33.90
N ILE D 223 -42.92 1.64 -33.45
CA ILE D 223 -41.55 2.10 -33.10
C ILE D 223 -40.90 2.82 -34.30
N ALA D 224 -41.01 2.21 -35.48
CA ALA D 224 -40.39 2.72 -36.71
C ALA D 224 -41.02 4.00 -37.28
N THR D 225 -42.26 4.29 -36.89
CA THR D 225 -42.96 5.50 -37.33
C THR D 225 -43.13 6.58 -36.22
N LEU D 226 -42.48 6.40 -35.07
CA LEU D 226 -42.77 7.17 -33.85
C LEU D 226 -44.28 7.24 -33.56
N ALA D 227 -44.92 6.08 -33.61
CA ALA D 227 -46.31 5.86 -33.22
C ALA D 227 -47.32 6.65 -34.05
N GLU D 228 -47.18 6.60 -35.37
CA GLU D 228 -48.30 6.96 -36.23
C GLU D 228 -49.49 6.04 -35.96
N GLN D 229 -50.70 6.49 -36.35
N GLN D 229 -50.69 6.48 -36.34
CA GLN D 229 -51.91 5.64 -36.36
CA GLN D 229 -51.84 5.60 -36.27
C GLN D 229 -51.75 4.59 -37.48
C GLN D 229 -51.76 4.60 -37.43
N PRO D 230 -51.79 3.28 -37.14
CA PRO D 230 -51.75 2.30 -38.24
C PRO D 230 -52.95 2.47 -39.17
N TYR D 231 -52.73 2.41 -40.48
CA TYR D 231 -53.81 2.54 -41.50
C TYR D 231 -54.51 3.90 -41.42
N GLN D 232 -53.71 4.93 -41.13
CA GLN D 232 -54.21 6.31 -41.14
C GLN D 232 -54.91 6.59 -42.44
N GLY D 233 -56.11 7.18 -42.34
CA GLY D 233 -56.92 7.45 -43.50
C GLY D 233 -58.07 6.47 -43.71
N LEU D 234 -57.96 5.27 -43.15
CA LEU D 234 -59.02 4.28 -43.18
C LEU D 234 -59.84 4.32 -41.89
N SER D 235 -61.17 4.26 -42.03
CA SER D 235 -62.08 4.07 -40.91
C SER D 235 -61.88 2.69 -40.31
N ASN D 236 -62.44 2.46 -39.12
CA ASN D 236 -62.31 1.14 -38.46
C ASN D 236 -62.89 0.04 -39.35
N GLU D 237 -64.06 0.27 -39.95
CA GLU D 237 -64.66 -0.76 -40.82
C GLU D 237 -63.82 -1.01 -42.08
N GLN D 238 -63.18 0.05 -42.61
CA GLN D 238 -62.28 -0.10 -43.77
C GLN D 238 -61.03 -0.90 -43.38
N VAL D 239 -60.52 -0.71 -42.17
CA VAL D 239 -59.40 -1.52 -41.67
C VAL D 239 -59.77 -3.01 -41.60
N LEU D 240 -60.94 -3.30 -41.04
CA LEU D 240 -61.43 -4.66 -40.93
C LEU D 240 -61.38 -5.36 -42.30
N ARG D 241 -61.96 -4.71 -43.30
CA ARG D 241 -61.99 -5.25 -44.67
C ARG D 241 -60.58 -5.41 -45.28
N PHE D 242 -59.77 -4.36 -45.15
CA PHE D 242 -58.42 -4.31 -45.74
C PHE D 242 -57.55 -5.46 -45.27
N VAL D 243 -57.51 -5.65 -43.95
CA VAL D 243 -56.67 -6.66 -43.30
C VAL D 243 -57.24 -8.06 -43.55
N MET D 244 -58.57 -8.22 -43.46
CA MET D 244 -59.14 -9.55 -43.76
C MET D 244 -58.95 -9.97 -45.22
N GLU D 245 -58.87 -9.00 -46.14
CA GLU D 245 -58.62 -9.27 -47.56
C GLU D 245 -57.12 -9.32 -47.93
N GLY D 246 -56.27 -9.39 -46.93
CA GLY D 246 -54.83 -9.64 -47.15
C GLY D 246 -53.95 -8.41 -47.29
N GLY D 247 -54.50 -7.24 -46.96
CA GLY D 247 -53.73 -5.97 -47.01
C GLY D 247 -52.76 -5.81 -45.87
N LEU D 248 -51.64 -5.12 -46.14
CA LEU D 248 -50.63 -4.85 -45.11
C LEU D 248 -50.24 -3.37 -45.00
N LEU D 249 -49.68 -3.00 -43.84
CA LEU D 249 -49.05 -1.68 -43.63
C LEU D 249 -47.84 -1.54 -44.57
N ASP D 250 -47.57 -0.32 -45.03
CA ASP D 250 -46.43 -0.03 -45.89
C ASP D 250 -45.14 0.09 -45.09
N LYS D 251 -44.02 -0.18 -45.73
CA LYS D 251 -42.73 0.02 -45.09
C LYS D 251 -42.57 1.50 -44.73
N PRO D 252 -42.35 1.81 -43.44
CA PRO D 252 -42.12 3.21 -43.06
C PRO D 252 -40.93 3.86 -43.76
N ASP D 253 -40.99 5.17 -43.92
CA ASP D 253 -39.86 5.94 -44.44
C ASP D 253 -38.62 5.68 -43.61
N ASN D 254 -37.51 5.38 -44.31
CA ASN D 254 -36.20 5.11 -43.69
C ASN D 254 -36.13 3.91 -42.76
N CYS D 255 -37.11 3.01 -42.85
CA CYS D 255 -37.13 1.84 -41.99
C CYS D 255 -35.95 0.91 -42.31
N PRO D 256 -35.17 0.48 -41.30
CA PRO D 256 -34.13 -0.55 -41.53
C PRO D 256 -34.76 -1.83 -42.13
N ASP D 257 -34.12 -2.41 -43.14
CA ASP D 257 -34.72 -3.56 -43.83
C ASP D 257 -34.98 -4.74 -42.88
N MET D 258 -34.06 -4.98 -41.95
CA MET D 258 -34.23 -6.11 -41.04
C MET D 258 -35.52 -5.98 -40.18
N LEU D 259 -35.87 -4.76 -39.81
CA LEU D 259 -37.08 -4.55 -39.02
C LEU D 259 -38.35 -4.78 -39.84
N PHE D 260 -38.37 -4.30 -41.07
CA PHE D 260 -39.53 -4.53 -41.94
C PHE D 260 -39.69 -6.01 -42.28
N GLU D 261 -38.57 -6.69 -42.51
CA GLU D 261 -38.64 -8.14 -42.76
C GLU D 261 -39.24 -8.87 -41.55
N LEU D 262 -38.90 -8.45 -40.34
CA LEU D 262 -39.48 -9.03 -39.12
C LEU D 262 -41.00 -8.77 -39.08
N MET D 263 -41.42 -7.54 -39.40
CA MET D 263 -42.86 -7.21 -39.47
C MET D 263 -43.58 -8.15 -40.43
N ARG D 264 -42.99 -8.35 -41.61
CA ARG D 264 -43.58 -9.24 -42.63
C ARG D 264 -43.74 -10.68 -42.15
N MET D 265 -42.79 -11.18 -41.35
N MET D 265 -42.78 -11.17 -41.36
CA MET D 265 -42.93 -12.51 -40.78
CA MET D 265 -42.90 -12.50 -40.76
C MET D 265 -44.08 -12.58 -39.78
C MET D 265 -44.09 -12.57 -39.80
N CYS D 266 -44.24 -11.53 -38.98
CA CYS D 266 -45.35 -11.44 -38.00
C CYS D 266 -46.71 -11.32 -38.67
N TRP D 267 -46.72 -10.78 -39.88
CA TRP D 267 -47.96 -10.53 -40.65
C TRP D 267 -48.29 -11.58 -41.73
N GLN D 268 -47.73 -12.78 -41.60
N GLN D 268 -47.77 -12.78 -41.59
CA GLN D 268 -48.15 -13.90 -42.43
CA GLN D 268 -48.14 -13.82 -42.55
C GLN D 268 -49.66 -14.04 -42.27
C GLN D 268 -49.60 -14.17 -42.29
N TYR D 269 -50.36 -14.21 -43.37
CA TYR D 269 -51.82 -14.38 -43.30
C TYR D 269 -52.22 -15.64 -42.52
N ASN D 270 -51.54 -16.74 -42.79
CA ASN D 270 -51.76 -18.00 -42.05
C ASN D 270 -51.07 -17.90 -40.67
N PRO D 271 -51.86 -17.96 -39.56
CA PRO D 271 -51.26 -17.86 -38.21
C PRO D 271 -50.17 -18.90 -37.94
N LYS D 272 -50.31 -20.09 -38.52
CA LYS D 272 -49.35 -21.19 -38.33
C LYS D 272 -48.00 -20.95 -39.02
N MET D 273 -47.96 -20.02 -39.98
N MET D 273 -47.94 -20.01 -39.94
CA MET D 273 -46.72 -19.64 -40.67
CA MET D 273 -46.69 -19.66 -40.63
C MET D 273 -45.87 -18.62 -39.88
C MET D 273 -45.91 -18.52 -39.96
N ARG D 274 -46.49 -17.89 -38.94
CA ARG D 274 -45.79 -16.87 -38.16
C ARG D 274 -44.75 -17.50 -37.22
N PRO D 275 -43.70 -16.74 -36.90
CA PRO D 275 -42.77 -17.22 -35.87
C PRO D 275 -43.42 -17.15 -34.50
N SER D 276 -42.96 -17.97 -33.56
CA SER D 276 -43.27 -17.76 -32.13
C SER D 276 -42.43 -16.59 -31.58
N PHE D 277 -42.77 -16.07 -30.41
CA PHE D 277 -41.91 -15.06 -29.75
C PHE D 277 -40.48 -15.61 -29.50
N LEU D 278 -40.35 -16.87 -29.13
CA LEU D 278 -39.00 -17.47 -28.94
C LEU D 278 -38.22 -17.46 -30.26
N GLU D 279 -38.88 -17.77 -31.37
CA GLU D 279 -38.23 -17.77 -32.67
C GLU D 279 -37.83 -16.35 -33.10
N ILE D 280 -38.68 -15.38 -32.80
CA ILE D 280 -38.37 -13.94 -33.03
C ILE D 280 -37.08 -13.55 -32.28
N ILE D 281 -37.00 -13.93 -31.01
CA ILE D 281 -35.80 -13.60 -30.20
C ILE D 281 -34.56 -14.29 -30.76
N SER D 282 -34.70 -15.55 -31.17
CA SER D 282 -33.59 -16.27 -31.80
C SER D 282 -33.03 -15.50 -33.00
N SER D 283 -33.91 -14.88 -33.79
CA SER D 283 -33.50 -14.16 -35.00
C SER D 283 -32.75 -12.86 -34.73
N ILE D 284 -32.92 -12.28 -33.54
CA ILE D 284 -32.28 -11.00 -33.19
C ILE D 284 -31.33 -11.07 -31.99
N LYS D 285 -31.13 -12.25 -31.39
CA LYS D 285 -30.35 -12.31 -30.13
C LYS D 285 -28.91 -11.86 -30.28
N GLU D 286 -28.33 -12.05 -31.46
CA GLU D 286 -26.94 -11.61 -31.69
C GLU D 286 -26.80 -10.08 -31.59
N GLU D 287 -27.90 -9.36 -31.78
CA GLU D 287 -27.92 -7.88 -31.71
C GLU D 287 -28.41 -7.33 -30.38
N MET D 288 -28.76 -8.21 -29.43
CA MET D 288 -29.20 -7.74 -28.11
C MET D 288 -27.97 -7.37 -27.28
N GLU D 289 -28.13 -6.29 -26.51
CA GLU D 289 -27.04 -5.69 -25.74
C GLU D 289 -26.61 -6.63 -24.66
N PRO D 290 -25.35 -6.47 -24.19
CA PRO D 290 -24.89 -7.22 -23.04
C PRO D 290 -25.78 -6.93 -21.85
N GLY D 291 -26.23 -8.00 -21.22
CA GLY D 291 -27.17 -7.88 -20.12
C GLY D 291 -28.38 -8.73 -20.40
N PHE D 292 -28.80 -8.77 -21.66
CA PHE D 292 -30.02 -9.51 -22.02
C PHE D 292 -29.96 -10.99 -21.62
N ARG D 293 -28.79 -11.60 -21.77
CA ARG D 293 -28.59 -12.99 -21.39
C ARG D 293 -28.88 -13.24 -19.92
N GLU D 294 -28.61 -12.23 -19.08
N GLU D 294 -28.64 -12.23 -19.08
CA GLU D 294 -28.69 -12.38 -17.63
CA GLU D 294 -28.68 -12.38 -17.63
C GLU D 294 -30.08 -12.13 -17.03
C GLU D 294 -30.08 -12.15 -17.04
N VAL D 295 -30.91 -11.38 -17.73
CA VAL D 295 -32.27 -11.05 -17.24
C VAL D 295 -33.42 -11.64 -18.04
N SER D 296 -33.15 -12.20 -19.23
CA SER D 296 -34.23 -12.61 -20.12
C SER D 296 -34.81 -13.97 -19.77
N PHE D 297 -36.11 -14.12 -20.05
CA PHE D 297 -36.76 -15.43 -20.05
C PHE D 297 -36.11 -16.36 -21.05
N TYR D 298 -35.82 -15.84 -22.24
CA TYR D 298 -35.24 -16.66 -23.33
C TYR D 298 -34.03 -17.47 -22.88
N TYR D 299 -33.11 -16.81 -22.16
CA TYR D 299 -31.86 -17.46 -21.69
C TYR D 299 -31.97 -18.12 -20.30
N SER D 300 -33.14 -18.01 -19.67
CA SER D 300 -33.31 -18.51 -18.30
C SER D 300 -33.50 -20.03 -18.24
N GLU D 301 -33.32 -20.58 -17.04
CA GLU D 301 -33.62 -22.00 -16.79
C GLU D 301 -35.10 -22.35 -16.96
N GLU D 302 -35.99 -21.38 -16.77
CA GLU D 302 -37.44 -21.57 -16.94
C GLU D 302 -37.86 -21.83 -18.39
N ASN D 303 -37.06 -21.39 -19.35
CA ASN D 303 -37.37 -21.65 -20.76
C ASN D 303 -36.95 -23.08 -21.09
N LYS D 304 -37.84 -24.02 -20.77
CA LYS D 304 -37.58 -25.45 -20.91
C LYS D 304 -38.90 -26.21 -21.01
#